data_7ZDF
#
_entry.id   7ZDF
#
loop_
_entity.id
_entity.type
_entity.pdbx_description
1 polymer 'ATP-binding/permease protein CydC'
2 polymer 'ATP-binding/permease protein CydD'
3 non-polymer "{3,3'-[(9S)-8,13-diethenyl-3,7,12,17-tetramethyl-9,10-dihydroporphyrin-2,18-diyl-kappa~4~N~21~,N~22~,N~23~,N~24~]dipropanoato(2-)}iron"
4 non-polymer 'MAGNESIUM ION'
5 non-polymer 'PHOSPHOAMINOPHOSPHONIC ACID-ADENYLATE ESTER'
#
loop_
_entity_poly.entity_id
_entity_poly.type
_entity_poly.pdbx_seq_one_letter_code
_entity_poly.pdbx_strand_id
1 'polypeptide(L)'
;MRALLPYLALYKRHKWMLSLGIVLAIVTLLASIGLLTLSGWFLSASAVAGVAGLYSFNYMLPAAGVRGAAITRTAGRYFE
RLVSHDATFRVLQHLRIYTFSKLLPLSPAGLARYRQGELLNRVVADVDTLDHLYLRVISPLVGAFVVIMVVTIGLSFLDF
TLAFTLGGIMLLTLFLMPPLFYRAGKSTGQNLTHLRGQYRQQLTAWLQGQAELTIFGASDRYRTQLENTEIQWLEAQRRQ
SELTALSQAIMLLIGALAVILMLWMASGGVGGNAQPGALIALFVFCALAAFEALAPVTGAFQHLGQVIASAVRISDLTDQ
KPEVTFPDTQTRVADRVSLTLRDVQFTYPEQSQQALKGISLQVNAGEHIAILGRTGCGKSTLLQQLTRAWDPQQGEILLN
DSPIASLNEAALRQTISVVPQRVHLFSATLRDNLLLASPGSSDEALSEILRRVGLEKLLEDAGLNSWLGEGGRQLSGGEL
RRLAIARALLHDAPLVLLDEPTEGLDATTESQILELLAEMMREKTVLMVTHRLRGLSRFQQIIVMDNGQIIEQGTHAELL
ARQGRYYQFKQGL
;
C
2 'polypeptide(L)'
;MNKSRQKELTRWLKQQSVISQRWLNISRLLGFVSGILIIAQAWFMARILQHMIMENIPREALLLPFTLLVLTFVLRAWVV
WLRERVGYHAGQHIRFAIRRQVLDRLQQAGPAWIQGKPAGSWATLVLEQIDDMHDYYARYLPQMALAVSVPLLIVVAIFP
SNWAAALILLGTAPLIPLFMALVGMGAADANRRNFLALARLSGHFLDRLRGMETLRIFGRGEAEIESIRSASEDFRQRTM
EVLRLAFLSSGILEFFTSLSIALVAVYFGFSYLGELDFGHYDTGVTLAAGFLALILAPEFFQPLRDLGTFYHAKAQAVGA
ADSLKTFMETPLAHPQRGEAELASTDPVTIEAEELFITSPEGKTLAGPLNFTLPAGQRAVLVGRSGSGKSSLLNALSGFL
SYQGSLRINGIELRDLSPESWRKHLSWVGQNPQLPAATLRDNVLLARPDASEQELQAALDNAWVSEFLPLLPQGVDTPVG
DQAARLSVGQAQRVAVARALLNPCSLLLLDEPAASLDAHSEQRVMEALNAASLRQTTLMVTHQLEDLADWDVIWVMQDGR
IIEQGRYAELSVAGGPFATLLAHRQEEI
;
D
#
# COMPACT_ATOMS: atom_id res chain seq x y z
N MET A 1 23.80 7.38 2.09
CA MET A 1 24.22 7.08 3.45
C MET A 1 24.06 8.30 4.33
N ARG A 2 24.40 9.47 3.77
CA ARG A 2 24.29 10.76 4.51
C ARG A 2 22.82 11.17 4.62
N ALA A 3 21.94 10.54 3.83
CA ALA A 3 20.52 10.85 3.91
C ALA A 3 19.88 10.35 5.19
N LEU A 4 20.49 9.38 5.86
CA LEU A 4 19.91 8.77 7.05
C LEU A 4 20.21 9.53 8.33
N LEU A 5 21.03 10.58 8.27
CA LEU A 5 21.37 11.32 9.48
C LEU A 5 20.15 11.93 10.18
N PRO A 6 19.18 12.54 9.51
CA PRO A 6 18.01 13.05 10.24
C PRO A 6 17.24 11.97 10.97
N TYR A 7 17.20 10.75 10.43
CA TYR A 7 16.43 9.68 11.02
C TYR A 7 17.25 8.81 11.98
N LEU A 8 18.57 8.91 11.93
CA LEU A 8 19.38 8.32 12.99
C LEU A 8 19.31 9.15 14.26
N ALA A 9 19.13 10.47 14.13
CA ALA A 9 18.99 11.33 15.31
C ALA A 9 17.66 11.10 16.02
N LEU A 10 16.69 10.48 15.36
CA LEU A 10 15.44 10.13 16.04
C LEU A 10 15.63 8.97 17.01
N TYR A 11 16.72 8.23 16.89
CA TYR A 11 17.02 7.11 17.79
C TYR A 11 17.41 7.59 19.18
N LYS A 12 17.72 8.87 19.35
CA LYS A 12 18.17 9.36 20.64
C LYS A 12 17.07 9.29 21.68
N ARG A 13 15.80 9.32 21.26
CA ARG A 13 14.71 9.22 22.22
C ARG A 13 14.70 7.85 22.90
N HIS A 14 14.92 6.79 22.13
CA HIS A 14 15.01 5.44 22.64
C HIS A 14 16.39 4.91 22.26
N LYS A 15 17.40 5.20 23.07
CA LYS A 15 18.75 4.74 22.80
C LYS A 15 19.22 3.64 23.72
N TRP A 16 18.54 3.43 24.85
CA TRP A 16 18.84 2.29 25.71
C TRP A 16 18.08 1.05 25.31
N MET A 17 16.86 1.19 24.78
CA MET A 17 16.13 0.05 24.26
C MET A 17 16.66 -0.38 22.90
N LEU A 18 17.11 0.57 22.08
CA LEU A 18 17.67 0.23 20.78
C LEU A 18 19.08 -0.33 20.88
N SER A 19 19.84 0.04 21.90
CA SER A 19 21.18 -0.51 22.08
C SER A 19 21.17 -1.80 22.88
N LEU A 20 20.18 -1.98 23.75
CA LEU A 20 20.02 -3.26 24.44
C LEU A 20 19.66 -4.36 23.45
N GLY A 21 18.81 -4.05 22.46
CA GLY A 21 18.44 -5.04 21.47
C GLY A 21 19.56 -5.44 20.55
N ILE A 22 20.58 -4.59 20.39
CA ILE A 22 21.76 -4.98 19.65
C ILE A 22 22.74 -5.73 20.54
N VAL A 23 22.84 -5.33 21.81
CA VAL A 23 23.68 -6.04 22.75
C VAL A 23 23.15 -7.45 22.99
N LEU A 24 21.84 -7.59 23.13
CA LEU A 24 21.26 -8.92 23.33
C LEU A 24 21.46 -9.80 22.10
N ALA A 25 21.47 -9.22 20.91
CA ALA A 25 21.74 -10.00 19.71
C ALA A 25 23.21 -10.43 19.67
N ILE A 26 24.11 -9.58 20.16
CA ILE A 26 25.52 -9.93 20.19
C ILE A 26 25.78 -11.01 21.23
N VAL A 27 25.16 -10.89 22.40
CA VAL A 27 25.35 -11.89 23.46
C VAL A 27 24.80 -13.24 23.04
N THR A 28 23.64 -13.25 22.37
CA THR A 28 23.05 -14.50 21.92
C THR A 28 23.95 -15.20 20.90
N LEU A 29 24.53 -14.43 19.97
CA LEU A 29 25.42 -15.02 18.99
C LEU A 29 26.71 -15.52 19.63
N LEU A 30 27.22 -14.79 20.61
CA LEU A 30 28.45 -15.22 21.28
C LEU A 30 28.23 -16.46 22.13
N ALA A 31 27.03 -16.64 22.68
CA ALA A 31 26.74 -17.83 23.44
C ALA A 31 26.58 -19.05 22.55
N SER A 32 26.19 -18.85 21.29
CA SER A 32 26.11 -19.97 20.35
C SER A 32 27.50 -20.39 19.90
N ILE A 33 28.39 -19.43 19.67
CA ILE A 33 29.78 -19.75 19.34
C ILE A 33 30.51 -20.32 20.55
N GLY A 34 30.28 -19.74 21.73
CA GLY A 34 30.99 -20.18 22.91
C GLY A 34 30.53 -21.53 23.43
N LEU A 35 29.33 -21.95 23.04
CA LEU A 35 28.85 -23.26 23.46
C LEU A 35 29.43 -24.36 22.58
N LEU A 36 29.44 -24.15 21.26
CA LEU A 36 30.00 -25.15 20.36
C LEU A 36 31.51 -25.18 20.41
N THR A 37 32.16 -24.06 20.74
CA THR A 37 33.61 -24.05 20.89
C THR A 37 34.02 -24.75 22.18
N LEU A 38 33.30 -24.50 23.27
CA LEU A 38 33.58 -25.20 24.52
C LEU A 38 33.27 -26.69 24.40
N SER A 39 32.16 -27.03 23.74
CA SER A 39 31.82 -28.43 23.55
C SER A 39 32.85 -29.14 22.69
N GLY A 40 33.33 -28.49 21.63
CA GLY A 40 34.34 -29.10 20.78
C GLY A 40 35.64 -29.32 21.51
N TRP A 41 36.07 -28.35 22.32
CA TRP A 41 37.28 -28.51 23.10
C TRP A 41 37.13 -29.59 24.16
N PHE A 42 35.97 -29.65 24.81
CA PHE A 42 35.78 -30.58 25.92
C PHE A 42 35.87 -32.03 25.45
N LEU A 43 35.37 -32.31 24.25
CA LEU A 43 35.47 -33.67 23.71
C LEU A 43 36.92 -34.06 23.45
N SER A 44 37.67 -33.19 22.77
CA SER A 44 39.05 -33.51 22.45
C SER A 44 39.95 -33.44 23.68
N ALA A 45 39.57 -32.65 24.68
CA ALA A 45 40.35 -32.59 25.91
C ALA A 45 40.13 -33.84 26.75
N SER A 46 38.89 -34.33 26.82
CA SER A 46 38.61 -35.54 27.58
C SER A 46 39.04 -36.80 26.85
N ALA A 47 39.11 -36.75 25.51
CA ALA A 47 39.55 -37.92 24.76
C ALA A 47 41.05 -38.17 24.94
N VAL A 48 41.87 -37.12 24.85
CA VAL A 48 43.30 -37.29 25.06
C VAL A 48 43.60 -37.62 26.51
N ALA A 49 42.78 -37.14 27.45
CA ALA A 49 42.96 -37.51 28.85
C ALA A 49 42.66 -38.99 29.07
N GLY A 50 41.55 -39.47 28.51
CA GLY A 50 41.22 -40.87 28.64
C GLY A 50 40.80 -41.25 30.05
N VAL A 51 40.86 -42.56 30.32
CA VAL A 51 40.54 -43.06 31.66
C VAL A 51 41.61 -42.62 32.66
N ALA A 52 42.85 -42.47 32.21
CA ALA A 52 43.93 -42.05 33.12
C ALA A 52 43.68 -40.66 33.67
N GLY A 53 43.17 -39.75 32.84
CA GLY A 53 42.93 -38.38 33.26
C GLY A 53 41.55 -38.18 33.87
N LEU A 54 40.91 -39.27 34.27
CA LEU A 54 39.56 -39.18 34.83
C LEU A 54 39.53 -38.35 36.11
N TYR A 55 40.47 -38.60 37.02
CA TYR A 55 40.45 -37.96 38.33
C TYR A 55 41.30 -36.69 38.38
N SER A 56 41.88 -36.26 37.28
CA SER A 56 42.71 -35.06 37.23
C SER A 56 42.35 -34.21 36.02
N PHE A 57 41.06 -34.00 35.79
CA PHE A 57 40.60 -33.23 34.64
C PHE A 57 39.90 -31.93 35.00
N ASN A 58 39.24 -31.86 36.15
CA ASN A 58 38.57 -30.64 36.62
C ASN A 58 37.54 -30.16 35.60
N TYR A 59 36.51 -30.99 35.43
CA TYR A 59 35.41 -30.69 34.52
C TYR A 59 34.38 -29.74 35.13
N MET A 60 34.58 -29.31 36.38
CA MET A 60 33.60 -28.44 37.03
C MET A 60 33.55 -27.07 36.37
N LEU A 61 34.71 -26.51 36.02
CA LEU A 61 34.73 -25.20 35.37
C LEU A 61 34.02 -25.19 34.03
N PRO A 62 34.25 -26.15 33.10
CA PRO A 62 33.40 -26.20 31.91
C PRO A 62 31.94 -26.43 32.22
N ALA A 63 31.62 -27.15 33.29
CA ALA A 63 30.23 -27.38 33.65
C ALA A 63 29.53 -26.08 34.00
N ALA A 64 30.25 -25.14 34.62
CA ALA A 64 29.69 -23.83 34.91
C ALA A 64 29.64 -22.92 33.69
N GLY A 65 30.35 -23.27 32.63
CA GLY A 65 30.33 -22.49 31.42
C GLY A 65 29.43 -23.06 30.35
N VAL A 66 29.02 -24.32 30.52
CA VAL A 66 28.09 -24.92 29.57
C VAL A 66 26.65 -24.63 29.99
N ARG A 67 26.38 -24.54 31.28
CA ARG A 67 25.08 -24.07 31.74
C ARG A 67 24.96 -22.56 31.63
N GLY A 68 26.07 -21.83 31.77
CA GLY A 68 26.03 -20.40 31.59
C GLY A 68 25.73 -20.00 30.16
N ALA A 69 26.38 -20.65 29.20
CA ALA A 69 26.18 -20.35 27.79
C ALA A 69 24.86 -20.89 27.26
N ALA A 70 24.14 -21.70 28.03
CA ALA A 70 22.84 -22.18 27.61
C ALA A 70 21.71 -21.28 28.07
N ILE A 71 21.83 -20.70 29.27
CA ILE A 71 20.81 -19.78 29.75
C ILE A 71 20.86 -18.47 28.97
N THR A 72 22.06 -17.93 28.74
CA THR A 72 22.18 -16.67 28.04
C THR A 72 21.90 -16.79 26.55
N ARG A 73 21.75 -18.01 26.04
CA ARG A 73 21.40 -18.20 24.64
C ARG A 73 19.90 -18.38 24.45
N THR A 74 19.21 -19.01 25.40
CA THR A 74 17.77 -19.13 25.31
C THR A 74 17.06 -17.89 25.86
N ALA A 75 17.61 -17.29 26.92
CA ALA A 75 17.05 -16.06 27.44
C ALA A 75 17.53 -14.85 26.67
N GLY A 76 18.70 -14.94 26.03
CA GLY A 76 19.15 -13.86 25.19
C GLY A 76 18.39 -13.79 23.88
N ARG A 77 17.97 -14.93 23.36
CA ARG A 77 17.19 -14.95 22.12
C ARG A 77 15.77 -14.49 22.38
N TYR A 78 15.17 -14.91 23.50
CA TYR A 78 13.81 -14.49 23.81
C TYR A 78 13.72 -12.99 24.00
N PHE A 79 14.66 -12.41 24.75
CA PHE A 79 14.59 -10.99 25.04
C PHE A 79 15.10 -10.13 23.90
N GLU A 80 15.99 -10.65 23.05
CA GLU A 80 16.40 -9.90 21.88
C GLU A 80 15.23 -9.73 20.90
N ARG A 81 14.41 -10.77 20.76
CA ARG A 81 13.20 -10.63 19.96
C ARG A 81 12.21 -9.67 20.61
N LEU A 82 12.07 -9.76 21.93
CA LEU A 82 11.14 -8.88 22.63
C LEU A 82 11.60 -7.42 22.57
N VAL A 83 12.86 -7.16 22.95
CA VAL A 83 13.33 -5.80 23.07
C VAL A 83 13.40 -5.11 21.72
N SER A 84 13.92 -5.82 20.71
CA SER A 84 14.06 -5.23 19.39
C SER A 84 12.73 -5.08 18.66
N HIS A 85 11.66 -5.72 19.15
CA HIS A 85 10.34 -5.53 18.56
C HIS A 85 9.58 -4.40 19.23
N ASP A 86 9.72 -4.27 20.55
CA ASP A 86 9.24 -3.08 21.22
C ASP A 86 9.93 -1.84 20.67
N ALA A 87 11.26 -1.90 20.54
CA ALA A 87 12.03 -0.76 20.04
C ALA A 87 11.62 -0.40 18.61
N THR A 88 11.28 -1.40 17.80
CA THR A 88 10.84 -1.12 16.44
C THR A 88 9.52 -0.37 16.43
N PHE A 89 8.59 -0.74 17.31
CA PHE A 89 7.33 -0.01 17.38
C PHE A 89 7.49 1.36 18.04
N ARG A 90 8.54 1.57 18.83
CA ARG A 90 8.79 2.88 19.42
C ARG A 90 9.24 3.87 18.38
N VAL A 91 10.12 3.45 17.46
CA VAL A 91 10.62 4.38 16.45
C VAL A 91 9.60 4.55 15.33
N LEU A 92 8.76 3.54 15.08
CA LEU A 92 7.67 3.73 14.13
C LEU A 92 6.70 4.80 14.61
N GLN A 93 6.37 4.78 15.90
CA GLN A 93 5.54 5.83 16.47
C GLN A 93 6.22 7.19 16.37
N HIS A 94 7.52 7.23 16.65
CA HIS A 94 8.26 8.47 16.59
C HIS A 94 8.54 8.92 15.16
N LEU A 95 8.54 8.01 14.20
CA LEU A 95 8.64 8.40 12.80
C LEU A 95 7.32 8.95 12.28
N ARG A 96 6.20 8.37 12.71
CA ARG A 96 4.90 8.87 12.29
C ARG A 96 4.62 10.26 12.88
N ILE A 97 5.02 10.48 14.13
CA ILE A 97 4.81 11.78 14.75
C ILE A 97 5.73 12.83 14.13
N TYR A 98 6.99 12.46 13.91
CA TYR A 98 7.93 13.40 13.31
C TYR A 98 7.52 13.79 11.90
N THR A 99 7.09 12.82 11.09
CA THR A 99 6.67 13.12 9.73
C THR A 99 5.40 13.95 9.72
N PHE A 100 4.44 13.62 10.59
CA PHE A 100 3.21 14.38 10.65
C PHE A 100 3.47 15.83 11.09
N SER A 101 4.37 16.01 12.04
CA SER A 101 4.67 17.36 12.53
C SER A 101 5.37 18.19 11.47
N LYS A 102 6.15 17.55 10.61
CA LYS A 102 6.85 18.28 9.56
C LYS A 102 5.98 18.54 8.34
N LEU A 103 4.98 17.68 8.11
CA LEU A 103 4.11 17.80 6.95
C LEU A 103 2.96 18.76 7.15
N LEU A 104 2.66 19.14 8.38
CA LEU A 104 1.47 19.92 8.68
C LEU A 104 1.65 21.41 8.40
N PRO A 105 2.75 22.06 8.82
CA PRO A 105 2.92 23.47 8.47
C PRO A 105 2.96 23.75 6.99
N LEU A 106 3.26 22.74 6.17
CA LEU A 106 3.27 22.88 4.72
C LEU A 106 2.19 22.03 4.07
N SER A 107 1.04 21.91 4.74
CA SER A 107 0.00 20.99 4.28
C SER A 107 -0.62 21.40 2.95
N PRO A 108 -1.11 22.63 2.74
CA PRO A 108 -1.86 22.92 1.52
C PRO A 108 -0.97 23.03 0.29
N ALA A 109 0.14 23.76 0.39
CA ALA A 109 0.93 24.13 -0.77
C ALA A 109 2.12 23.22 -1.01
N GLY A 110 2.98 23.05 0.00
CA GLY A 110 4.19 22.26 -0.18
C GLY A 110 3.92 20.78 -0.39
N LEU A 111 2.71 20.32 -0.07
CA LEU A 111 2.38 18.90 -0.19
C LEU A 111 1.48 18.61 -1.37
N ALA A 112 0.87 19.62 -1.99
CA ALA A 112 -0.05 19.39 -3.09
C ALA A 112 0.69 19.01 -4.36
N ARG A 113 1.32 17.84 -4.36
CA ARG A 113 2.01 17.34 -5.54
C ARG A 113 1.03 16.62 -6.45
N TYR A 114 1.50 16.31 -7.66
CA TYR A 114 0.65 15.60 -8.62
C TYR A 114 0.22 14.25 -8.06
N ARG A 115 -1.07 13.96 -8.18
CA ARG A 115 -1.67 12.75 -7.62
C ARG A 115 -1.35 12.64 -6.14
N GLN A 116 -1.89 13.60 -5.37
CA GLN A 116 -1.55 13.71 -3.96
C GLN A 116 -1.95 12.46 -3.19
N GLY A 117 -3.13 11.91 -3.49
CA GLY A 117 -3.55 10.69 -2.81
C GLY A 117 -2.61 9.52 -3.07
N GLU A 118 -2.07 9.44 -4.28
CA GLU A 118 -1.09 8.40 -4.59
C GLU A 118 0.27 8.71 -3.98
N LEU A 119 0.58 9.99 -3.80
CA LEU A 119 1.80 10.35 -3.08
C LEU A 119 1.74 9.91 -1.63
N LEU A 120 0.59 10.09 -0.97
CA LEU A 120 0.50 9.82 0.45
C LEU A 120 0.58 8.34 0.76
N ASN A 121 0.08 7.48 -0.14
CA ASN A 121 0.29 6.06 0.02
C ASN A 121 1.75 5.68 -0.14
N ARG A 122 2.53 6.52 -0.81
CA ARG A 122 3.97 6.34 -0.94
C ARG A 122 4.74 6.99 0.20
N VAL A 123 4.16 8.00 0.84
CA VAL A 123 4.74 8.55 2.06
C VAL A 123 4.64 7.53 3.19
N VAL A 124 3.49 6.88 3.35
CA VAL A 124 3.30 5.93 4.43
C VAL A 124 4.19 4.71 4.24
N ALA A 125 4.37 4.28 2.99
CA ALA A 125 5.25 3.14 2.73
C ALA A 125 6.70 3.47 3.01
N ASP A 126 7.09 4.74 2.85
CA ASP A 126 8.47 5.13 3.12
C ASP A 126 8.73 5.21 4.62
N VAL A 127 7.72 5.61 5.39
CA VAL A 127 7.89 5.65 6.84
C VAL A 127 8.04 4.24 7.40
N ASP A 128 7.32 3.28 6.80
CA ASP A 128 7.49 1.88 7.19
C ASP A 128 8.89 1.39 6.87
N THR A 129 9.43 1.77 5.70
CA THR A 129 10.76 1.32 5.31
C THR A 129 11.85 1.94 6.16
N LEU A 130 11.66 3.18 6.62
CA LEU A 130 12.61 3.77 7.56
C LEU A 130 12.54 3.06 8.90
N ASP A 131 11.41 2.45 9.22
CA ASP A 131 11.27 1.69 10.46
C ASP A 131 12.05 0.38 10.40
N HIS A 132 12.38 -0.10 9.21
CA HIS A 132 13.11 -1.34 9.02
C HIS A 132 14.62 -1.18 9.13
N LEU A 133 15.10 0.05 9.35
CA LEU A 133 16.54 0.27 9.39
C LEU A 133 17.18 -0.35 10.61
N TYR A 134 16.44 -0.46 11.72
CA TYR A 134 17.03 -0.97 12.96
C TYR A 134 17.17 -2.48 12.91
N LEU A 135 16.06 -3.21 12.74
CA LEU A 135 16.11 -4.67 12.78
C LEU A 135 16.67 -5.27 11.51
N ARG A 136 16.42 -4.68 10.35
CA ARG A 136 16.80 -5.31 9.10
C ARG A 136 18.13 -4.81 8.54
N VAL A 137 18.69 -3.73 9.09
CA VAL A 137 19.97 -3.23 8.60
C VAL A 137 20.98 -3.09 9.73
N ILE A 138 20.62 -2.28 10.74
CA ILE A 138 21.62 -1.87 11.72
C ILE A 138 21.98 -3.02 12.66
N SER A 139 20.97 -3.73 13.17
CA SER A 139 21.24 -4.81 14.12
C SER A 139 22.03 -5.95 13.49
N PRO A 140 21.68 -6.47 12.31
CA PRO A 140 22.52 -7.53 11.72
C PRO A 140 23.96 -7.10 11.45
N LEU A 141 24.17 -5.85 11.04
CA LEU A 141 25.50 -5.42 10.64
C LEU A 141 26.36 -5.07 11.84
N VAL A 142 25.79 -4.37 12.82
CA VAL A 142 26.54 -4.06 14.04
C VAL A 142 26.76 -5.32 14.86
N GLY A 143 25.75 -6.19 14.92
CA GLY A 143 25.90 -7.44 15.66
C GLY A 143 27.00 -8.32 15.08
N ALA A 144 27.05 -8.43 13.75
CA ALA A 144 28.09 -9.25 13.12
C ALA A 144 29.48 -8.68 13.37
N PHE A 145 29.61 -7.35 13.33
CA PHE A 145 30.92 -6.73 13.52
C PHE A 145 31.46 -6.97 14.92
N VAL A 146 30.61 -6.79 15.95
CA VAL A 146 31.07 -6.97 17.32
C VAL A 146 31.34 -8.43 17.61
N VAL A 147 30.54 -9.33 17.04
CA VAL A 147 30.76 -10.77 17.24
C VAL A 147 32.10 -11.19 16.65
N ILE A 148 32.42 -10.69 15.45
CA ILE A 148 33.70 -11.02 14.83
C ILE A 148 34.85 -10.50 15.67
N MET A 149 34.75 -9.26 16.15
CA MET A 149 35.84 -8.67 16.93
C MET A 149 36.04 -9.39 18.26
N VAL A 150 34.95 -9.69 18.97
CA VAL A 150 35.06 -10.41 20.24
C VAL A 150 35.64 -11.80 20.02
N VAL A 151 35.18 -12.49 18.97
CA VAL A 151 35.74 -13.80 18.65
C VAL A 151 37.21 -13.66 18.26
N THR A 152 37.53 -12.68 17.42
CA THR A 152 38.93 -12.48 17.02
C THR A 152 39.80 -12.12 18.20
N ILE A 153 39.34 -11.21 19.06
CA ILE A 153 40.13 -10.79 20.22
C ILE A 153 40.25 -11.94 21.21
N GLY A 154 39.13 -12.59 21.54
CA GLY A 154 39.15 -13.66 22.52
C GLY A 154 39.87 -14.90 22.06
N LEU A 155 39.96 -15.11 20.74
CA LEU A 155 40.66 -16.26 20.20
C LEU A 155 42.13 -15.99 19.94
N SER A 156 42.57 -14.75 20.14
CA SER A 156 43.96 -14.37 19.96
C SER A 156 44.81 -14.60 21.19
N PHE A 157 44.20 -14.95 22.32
CA PHE A 157 44.98 -15.31 23.50
C PHE A 157 45.63 -16.68 23.34
N LEU A 158 45.21 -17.45 22.35
CA LEU A 158 45.81 -18.75 22.07
C LEU A 158 46.79 -18.67 20.90
N ASP A 159 46.43 -17.97 19.83
CA ASP A 159 47.29 -17.84 18.67
C ASP A 159 46.89 -16.59 17.90
N PHE A 160 47.86 -15.68 17.68
CA PHE A 160 47.56 -14.42 16.95
C PHE A 160 47.35 -14.71 15.46
N THR A 161 48.15 -15.62 14.88
CA THR A 161 48.01 -15.90 13.45
C THR A 161 46.68 -16.57 13.14
N LEU A 162 46.28 -17.54 13.95
CA LEU A 162 45.05 -18.27 13.69
C LEU A 162 43.82 -17.40 13.93
N ALA A 163 43.86 -16.55 14.95
CA ALA A 163 42.71 -15.71 15.25
C ALA A 163 42.55 -14.60 14.22
N PHE A 164 43.67 -14.11 13.66
CA PHE A 164 43.59 -13.03 12.69
C PHE A 164 43.22 -13.53 11.30
N THR A 165 43.57 -14.77 10.95
CA THR A 165 43.14 -15.30 9.66
C THR A 165 41.68 -15.70 9.69
N LEU A 166 41.18 -16.16 10.84
CA LEU A 166 39.76 -16.45 10.96
C LEU A 166 38.95 -15.15 11.00
N GLY A 167 39.40 -14.19 11.81
CA GLY A 167 38.72 -12.91 11.85
C GLY A 167 38.97 -12.07 10.62
N GLY A 168 40.10 -12.29 9.94
CA GLY A 168 40.33 -11.60 8.68
C GLY A 168 39.39 -12.05 7.58
N ILE A 169 39.14 -13.37 7.52
CA ILE A 169 38.20 -13.89 6.53
C ILE A 169 36.79 -13.38 6.83
N MET A 170 36.40 -13.36 8.11
CA MET A 170 35.06 -12.92 8.46
C MET A 170 34.90 -11.41 8.30
N LEU A 171 35.95 -10.64 8.53
CA LEU A 171 35.87 -9.19 8.36
C LEU A 171 35.89 -8.80 6.89
N LEU A 172 36.64 -9.53 6.06
CA LEU A 172 36.66 -9.22 4.64
C LEU A 172 35.30 -9.45 4.00
N THR A 173 34.64 -10.55 4.36
CA THR A 173 33.34 -10.86 3.78
C THR A 173 32.20 -10.10 4.44
N LEU A 174 32.47 -9.36 5.52
CA LEU A 174 31.49 -8.45 6.08
C LEU A 174 31.59 -7.06 5.47
N PHE A 175 32.80 -6.65 5.05
CA PHE A 175 33.01 -5.32 4.51
C PHE A 175 33.14 -5.29 2.99
N LEU A 176 33.49 -6.41 2.36
CA LEU A 176 33.68 -6.45 0.92
C LEU A 176 32.58 -7.19 0.17
N MET A 177 31.97 -8.19 0.78
CA MET A 177 30.99 -8.99 0.06
C MET A 177 29.62 -8.31 -0.03
N PRO A 178 29.08 -7.75 1.05
CA PRO A 178 27.79 -7.04 0.92
C PRO A 178 27.85 -5.90 -0.09
N PRO A 179 28.90 -5.07 -0.10
CA PRO A 179 28.99 -4.05 -1.15
C PRO A 179 29.11 -4.62 -2.55
N LEU A 180 29.79 -5.77 -2.70
CA LEU A 180 29.98 -6.36 -4.02
C LEU A 180 28.66 -6.81 -4.62
N PHE A 181 27.81 -7.45 -3.82
CA PHE A 181 26.53 -7.95 -4.34
C PHE A 181 25.51 -6.84 -4.52
N TYR A 182 25.59 -5.78 -3.71
CA TYR A 182 24.75 -4.61 -3.97
C TYR A 182 25.12 -3.96 -5.30
N ARG A 183 26.42 -3.82 -5.56
CA ARG A 183 26.87 -3.25 -6.83
C ARG A 183 26.55 -4.16 -8.00
N ALA A 184 26.63 -5.47 -7.80
CA ALA A 184 26.35 -6.41 -8.88
C ALA A 184 24.89 -6.37 -9.29
N GLY A 185 23.98 -6.32 -8.33
CA GLY A 185 22.56 -6.31 -8.59
C GLY A 185 21.93 -4.94 -8.71
N LYS A 186 22.75 -3.89 -8.72
CA LYS A 186 22.22 -2.50 -8.80
C LYS A 186 21.47 -2.31 -10.12
N SER A 187 22.05 -2.79 -11.23
CA SER A 187 21.42 -2.64 -12.54
C SER A 187 20.14 -3.47 -12.64
N THR A 188 20.16 -4.69 -12.10
CA THR A 188 18.96 -5.52 -12.13
C THR A 188 17.87 -4.96 -11.22
N GLY A 189 18.25 -4.21 -10.19
CA GLY A 189 17.28 -3.57 -9.32
C GLY A 189 16.73 -2.28 -9.85
N GLN A 190 17.28 -1.76 -10.94
CA GLN A 190 16.81 -0.51 -11.51
C GLN A 190 15.73 -0.72 -12.57
N ASN A 191 15.89 -1.71 -13.44
CA ASN A 191 14.81 -2.06 -14.34
C ASN A 191 13.72 -2.86 -13.65
N LEU A 192 14.02 -3.45 -12.49
CA LEU A 192 12.98 -4.08 -11.69
C LEU A 192 12.03 -3.03 -11.13
N THR A 193 12.56 -1.87 -10.75
CA THR A 193 11.70 -0.76 -10.34
C THR A 193 11.02 -0.12 -11.55
N HIS A 194 11.71 -0.07 -12.69
CA HIS A 194 11.11 0.46 -13.91
C HIS A 194 9.96 -0.43 -14.38
N LEU A 195 10.18 -1.74 -14.40
CA LEU A 195 9.16 -2.66 -14.89
C LEU A 195 8.01 -2.84 -13.89
N ARG A 196 8.25 -2.56 -12.61
CA ARG A 196 7.17 -2.67 -11.64
C ARG A 196 6.19 -1.52 -11.76
N GLY A 197 6.70 -0.30 -11.98
CA GLY A 197 5.82 0.83 -12.20
C GLY A 197 5.22 0.88 -13.59
N GLN A 198 5.87 0.24 -14.57
CA GLN A 198 5.27 0.09 -15.88
C GLN A 198 4.06 -0.85 -15.82
N TYR A 199 4.15 -1.91 -15.03
CA TYR A 199 3.01 -2.80 -14.86
C TYR A 199 1.88 -2.11 -14.10
N ARG A 200 2.22 -1.34 -13.07
CA ARG A 200 1.18 -0.64 -12.32
C ARG A 200 0.50 0.42 -13.17
N GLN A 201 1.26 1.02 -14.08
CA GLN A 201 0.73 2.07 -14.98
C GLN A 201 -0.19 1.42 -16.01
N GLN A 202 0.20 0.26 -16.54
CA GLN A 202 -0.60 -0.42 -17.55
C GLN A 202 -1.80 -1.13 -16.94
N LEU A 203 -1.67 -1.64 -15.71
CA LEU A 203 -2.81 -2.27 -15.06
C LEU A 203 -3.88 -1.25 -14.70
N THR A 204 -3.46 -0.08 -14.20
CA THR A 204 -4.42 0.95 -13.84
C THR A 204 -5.19 1.43 -15.05
N ALA A 205 -4.51 1.61 -16.19
CA ALA A 205 -5.18 2.02 -17.41
C ALA A 205 -6.13 0.94 -17.89
N TRP A 206 -5.73 -0.33 -17.78
CA TRP A 206 -6.57 -1.43 -18.26
C TRP A 206 -7.77 -1.67 -17.34
N LEU A 207 -7.64 -1.33 -16.06
CA LEU A 207 -8.74 -1.51 -15.12
C LEU A 207 -9.68 -0.31 -15.09
N GLN A 208 -9.13 0.91 -15.10
CA GLN A 208 -9.98 2.10 -15.11
C GLN A 208 -10.74 2.21 -16.43
N GLY A 209 -10.08 1.88 -17.54
CA GLY A 209 -10.71 1.98 -18.84
C GLY A 209 -11.30 0.68 -19.32
N GLN A 210 -11.79 -0.13 -18.39
CA GLN A 210 -12.38 -1.41 -18.77
C GLN A 210 -13.69 -1.21 -19.52
N ALA A 211 -14.45 -0.16 -19.19
CA ALA A 211 -15.68 0.12 -19.92
C ALA A 211 -15.38 0.62 -21.33
N GLU A 212 -14.33 1.42 -21.49
CA GLU A 212 -13.97 1.91 -22.82
C GLU A 212 -13.34 0.82 -23.67
N LEU A 213 -12.57 -0.08 -23.05
CA LEU A 213 -11.88 -1.12 -23.83
C LEU A 213 -12.84 -2.22 -24.29
N THR A 214 -13.82 -2.57 -23.47
CA THR A 214 -14.77 -3.61 -23.86
C THR A 214 -15.68 -3.14 -25.00
N ILE A 215 -16.15 -1.90 -24.92
CA ILE A 215 -17.06 -1.39 -25.95
C ILE A 215 -16.34 -1.23 -27.29
N PHE A 216 -15.10 -0.77 -27.25
CA PHE A 216 -14.33 -0.57 -28.47
C PHE A 216 -13.47 -1.78 -28.82
N GLY A 217 -13.66 -2.91 -28.14
CA GLY A 217 -13.02 -4.15 -28.53
C GLY A 217 -11.51 -4.14 -28.47
N ALA A 218 -10.94 -3.60 -27.39
CA ALA A 218 -9.50 -3.57 -27.23
C ALA A 218 -9.05 -4.14 -25.89
N SER A 219 -9.96 -4.71 -25.11
CA SER A 219 -9.60 -5.20 -23.79
C SER A 219 -8.71 -6.44 -23.86
N ASP A 220 -8.76 -7.18 -24.98
CA ASP A 220 -7.95 -8.38 -25.10
C ASP A 220 -6.52 -8.06 -25.54
N ARG A 221 -6.35 -7.08 -26.43
CA ARG A 221 -5.02 -6.74 -26.92
C ARG A 221 -4.25 -5.83 -25.97
N TYR A 222 -4.94 -5.15 -25.06
CA TYR A 222 -4.25 -4.35 -24.05
C TYR A 222 -3.93 -5.14 -22.79
N ARG A 223 -4.64 -6.25 -22.56
CA ARG A 223 -4.18 -7.20 -21.57
C ARG A 223 -3.00 -8.01 -22.07
N THR A 224 -2.89 -8.19 -23.39
CA THR A 224 -1.77 -8.94 -23.93
C THR A 224 -0.44 -8.25 -23.63
N GLN A 225 -0.38 -6.92 -23.78
CA GLN A 225 0.83 -6.21 -23.42
C GLN A 225 0.98 -6.06 -21.91
N LEU A 226 -0.13 -6.09 -21.17
CA LEU A 226 -0.05 -6.07 -19.71
C LEU A 226 0.57 -7.36 -19.19
N GLU A 227 0.20 -8.50 -19.77
CA GLU A 227 0.83 -9.76 -19.42
C GLU A 227 2.23 -9.90 -20.03
N ASN A 228 2.53 -9.13 -21.07
CA ASN A 228 3.89 -9.10 -21.59
C ASN A 228 4.82 -8.28 -20.70
N THR A 229 4.30 -7.25 -20.05
CA THR A 229 5.10 -6.51 -19.08
C THR A 229 5.39 -7.36 -17.85
N GLU A 230 4.43 -8.20 -17.44
CA GLU A 230 4.66 -9.09 -16.31
C GLU A 230 5.75 -10.11 -16.62
N ILE A 231 5.77 -10.60 -17.86
CA ILE A 231 6.81 -11.57 -18.25
C ILE A 231 8.19 -10.93 -18.15
N GLN A 232 8.33 -9.70 -18.63
CA GLN A 232 9.58 -8.97 -18.45
C GLN A 232 9.81 -8.65 -16.97
N TRP A 233 8.75 -8.29 -16.24
CA TRP A 233 8.87 -8.02 -14.82
C TRP A 233 9.25 -9.27 -14.05
N LEU A 234 8.68 -10.42 -14.42
CA LEU A 234 9.01 -11.67 -13.73
C LEU A 234 10.40 -12.16 -14.10
N GLU A 235 10.88 -11.73 -15.27
CA GLU A 235 12.25 -12.09 -15.74
C GLU A 235 13.26 -11.33 -14.88
N ALA A 236 13.00 -10.04 -14.62
CA ALA A 236 13.90 -9.24 -13.80
C ALA A 236 13.95 -9.74 -12.37
N GLN A 237 12.83 -10.30 -11.88
CA GLN A 237 12.83 -10.92 -10.56
C GLN A 237 13.61 -12.23 -10.57
N ARG A 238 13.60 -12.95 -11.69
CA ARG A 238 14.37 -14.19 -11.79
C ARG A 238 15.87 -13.89 -11.76
N ARG A 239 16.29 -12.81 -12.41
CA ARG A 239 17.70 -12.42 -12.37
C ARG A 239 18.09 -11.80 -11.04
N GLN A 240 17.12 -11.43 -10.20
CA GLN A 240 17.44 -10.93 -8.88
C GLN A 240 17.61 -12.06 -7.88
N SER A 241 16.83 -13.14 -8.05
CA SER A 241 17.04 -14.34 -7.25
C SER A 241 18.20 -15.18 -7.75
N GLU A 242 18.59 -14.99 -9.01
CA GLU A 242 19.81 -15.61 -9.54
C GLU A 242 21.05 -15.08 -8.86
N LEU A 243 20.96 -13.92 -8.22
CA LEU A 243 22.07 -13.30 -7.50
C LEU A 243 21.99 -13.52 -6.00
N THR A 244 20.79 -13.73 -5.46
CA THR A 244 20.67 -14.12 -4.06
C THR A 244 21.06 -15.57 -3.86
N ALA A 245 20.86 -16.40 -4.89
CA ALA A 245 21.37 -17.78 -4.84
C ALA A 245 22.89 -17.79 -4.86
N LEU A 246 23.51 -16.81 -5.50
CA LEU A 246 24.97 -16.74 -5.52
C LEU A 246 25.51 -16.27 -4.18
N SER A 247 24.84 -15.30 -3.56
CA SER A 247 25.33 -14.78 -2.28
C SER A 247 25.15 -15.77 -1.14
N GLN A 248 24.35 -16.81 -1.32
CA GLN A 248 24.22 -17.86 -0.31
C GLN A 248 25.13 -19.04 -0.56
N ALA A 249 25.48 -19.30 -1.82
CA ALA A 249 26.47 -20.33 -2.13
C ALA A 249 27.88 -19.84 -1.84
N ILE A 250 28.11 -18.53 -1.95
CA ILE A 250 29.43 -17.99 -1.66
C ILE A 250 29.63 -17.82 -0.17
N MET A 251 28.57 -17.51 0.57
CA MET A 251 28.66 -17.49 2.03
C MET A 251 28.98 -18.89 2.56
N LEU A 252 28.45 -19.93 1.93
CA LEU A 252 28.74 -21.29 2.34
C LEU A 252 30.17 -21.67 1.96
N LEU A 253 30.66 -21.17 0.83
CA LEU A 253 32.02 -21.47 0.41
C LEU A 253 33.04 -20.73 1.27
N ILE A 254 32.73 -19.51 1.70
CA ILE A 254 33.65 -18.77 2.56
C ILE A 254 33.71 -19.38 3.94
N GLY A 255 32.55 -19.74 4.51
CA GLY A 255 32.54 -20.42 5.78
C GLY A 255 33.16 -21.81 5.73
N ALA A 256 33.20 -22.42 4.55
CA ALA A 256 33.94 -23.66 4.34
C ALA A 256 35.44 -23.39 4.29
N LEU A 257 35.83 -22.27 3.69
CA LEU A 257 37.25 -21.94 3.59
C LEU A 257 37.84 -21.68 4.97
N ALA A 258 37.07 -21.07 5.86
CA ALA A 258 37.56 -20.83 7.22
C ALA A 258 37.76 -22.15 7.96
N VAL A 259 36.84 -23.10 7.79
CA VAL A 259 36.97 -24.39 8.45
C VAL A 259 38.18 -25.15 7.91
N ILE A 260 38.34 -25.16 6.59
CA ILE A 260 39.48 -25.85 5.98
C ILE A 260 40.79 -25.21 6.43
N LEU A 261 40.82 -23.89 6.54
CA LEU A 261 42.03 -23.21 7.01
C LEU A 261 42.28 -23.48 8.48
N MET A 262 41.23 -23.50 9.30
CA MET A 262 41.40 -23.84 10.71
C MET A 262 41.87 -25.28 10.87
N LEU A 263 41.33 -26.21 10.09
CA LEU A 263 41.78 -27.59 10.14
C LEU A 263 43.24 -27.70 9.71
N TRP A 264 43.61 -27.00 8.63
CA TRP A 264 44.96 -27.13 8.08
C TRP A 264 45.99 -26.39 8.94
N MET A 265 45.65 -25.18 9.38
CA MET A 265 46.65 -24.33 10.03
C MET A 265 46.81 -24.65 11.51
N ALA A 266 45.71 -25.00 12.19
CA ALA A 266 45.80 -25.27 13.63
C ALA A 266 46.47 -26.59 13.93
N SER A 267 46.65 -27.46 12.93
CA SER A 267 47.37 -28.71 13.16
C SER A 267 48.87 -28.53 13.12
N GLY A 268 49.37 -27.47 12.47
CA GLY A 268 50.77 -27.14 12.50
C GLY A 268 51.23 -26.45 13.75
N GLY A 269 50.31 -26.17 14.67
CA GLY A 269 50.66 -25.55 15.93
C GLY A 269 49.75 -24.41 16.33
N VAL A 270 49.19 -24.47 17.53
CA VAL A 270 48.39 -23.40 18.09
C VAL A 270 49.24 -22.72 19.14
N GLY A 271 49.62 -21.47 18.89
CA GLY A 271 50.60 -20.83 19.75
C GLY A 271 51.97 -21.44 19.50
N GLY A 272 52.72 -21.62 20.58
CA GLY A 272 54.01 -22.28 20.48
C GLY A 272 53.97 -23.79 20.55
N ASN A 273 52.80 -24.37 20.77
CA ASN A 273 52.69 -25.81 20.92
C ASN A 273 52.94 -26.52 19.60
N ALA A 274 53.81 -27.53 19.62
CA ALA A 274 54.11 -28.28 18.41
C ALA A 274 52.94 -29.15 17.97
N GLN A 275 52.23 -29.74 18.93
CA GLN A 275 51.05 -30.56 18.65
C GLN A 275 49.94 -30.18 19.63
N PRO A 276 49.02 -29.32 19.20
CA PRO A 276 47.88 -28.95 20.07
C PRO A 276 46.78 -30.01 20.00
N GLY A 277 46.59 -30.72 21.10
CA GLY A 277 45.63 -31.79 21.11
C GLY A 277 44.20 -31.31 21.01
N ALA A 278 43.72 -30.65 22.06
CA ALA A 278 42.34 -30.18 22.12
C ALA A 278 42.16 -28.78 21.55
N LEU A 279 43.25 -28.13 21.12
CA LEU A 279 43.15 -26.76 20.61
C LEU A 279 42.83 -26.70 19.12
N ILE A 280 42.96 -27.82 18.40
CA ILE A 280 42.50 -27.83 17.01
C ILE A 280 40.99 -27.79 16.95
N ALA A 281 40.32 -28.58 17.81
CA ALA A 281 38.87 -28.58 17.84
C ALA A 281 38.32 -27.25 18.33
N LEU A 282 39.07 -26.54 19.18
CA LEU A 282 38.62 -25.24 19.65
C LEU A 282 38.57 -24.22 18.51
N PHE A 283 39.49 -24.32 17.55
CA PHE A 283 39.52 -23.41 16.42
C PHE A 283 38.61 -23.85 15.28
N VAL A 284 38.50 -25.16 15.05
CA VAL A 284 37.66 -25.67 13.98
C VAL A 284 36.19 -25.46 14.32
N PHE A 285 35.81 -25.69 15.59
CA PHE A 285 34.43 -25.50 15.99
C PHE A 285 34.06 -24.04 16.21
N CYS A 286 35.07 -23.16 16.32
CA CYS A 286 34.79 -21.73 16.33
C CYS A 286 34.47 -21.23 14.92
N ALA A 287 35.19 -21.74 13.91
CA ALA A 287 34.90 -21.38 12.53
C ALA A 287 33.59 -21.99 12.04
N LEU A 288 33.16 -23.11 12.63
CA LEU A 288 31.87 -23.69 12.25
C LEU A 288 30.71 -22.83 12.74
N ALA A 289 30.80 -22.31 13.96
CA ALA A 289 29.69 -21.61 14.58
C ALA A 289 29.70 -20.12 14.34
N ALA A 290 30.86 -19.52 14.09
CA ALA A 290 30.94 -18.06 14.03
C ALA A 290 30.32 -17.48 12.77
N PHE A 291 30.12 -18.28 11.72
CA PHE A 291 29.57 -17.75 10.48
C PHE A 291 28.05 -17.64 10.51
N GLU A 292 27.41 -18.01 11.61
CA GLU A 292 25.99 -17.72 11.78
C GLU A 292 25.73 -16.21 11.81
N ALA A 293 26.68 -15.45 12.35
CA ALA A 293 26.51 -13.99 12.43
C ALA A 293 26.51 -13.35 11.05
N LEU A 294 27.23 -13.92 10.09
CA LEU A 294 27.36 -13.34 8.76
C LEU A 294 26.24 -13.74 7.81
N ALA A 295 25.29 -14.56 8.27
CA ALA A 295 24.17 -14.93 7.41
C ALA A 295 23.34 -13.75 6.95
N PRO A 296 22.92 -12.81 7.80
CA PRO A 296 22.06 -11.72 7.33
C PRO A 296 22.78 -10.50 6.74
N VAL A 297 24.11 -10.47 6.72
CA VAL A 297 24.79 -9.21 6.42
C VAL A 297 24.63 -8.82 4.96
N THR A 298 24.52 -9.79 4.05
CA THR A 298 24.37 -9.43 2.64
C THR A 298 22.96 -8.94 2.36
N GLY A 299 21.95 -9.59 2.94
CA GLY A 299 20.58 -9.11 2.80
C GLY A 299 20.28 -7.86 3.60
N ALA A 300 21.06 -7.60 4.66
CA ALA A 300 20.89 -6.35 5.41
C ALA A 300 21.39 -5.16 4.60
N PHE A 301 22.54 -5.31 3.94
CA PHE A 301 23.06 -4.24 3.10
C PHE A 301 22.18 -4.03 1.86
N GLN A 302 21.54 -5.10 1.38
CA GLN A 302 20.61 -4.95 0.26
C GLN A 302 19.43 -4.07 0.63
N HIS A 303 18.89 -4.26 1.84
CA HIS A 303 17.77 -3.44 2.29
C HIS A 303 18.19 -2.02 2.63
N LEU A 304 19.49 -1.77 2.82
CA LEU A 304 19.95 -0.43 3.13
C LEU A 304 19.73 0.52 1.97
N GLY A 305 19.80 0.03 0.73
CA GLY A 305 19.52 0.87 -0.41
C GLY A 305 18.06 1.30 -0.46
N GLN A 306 17.15 0.40 -0.11
CA GLN A 306 15.74 0.76 -0.02
C GLN A 306 15.50 1.79 1.07
N VAL A 307 16.16 1.63 2.22
CA VAL A 307 15.96 2.56 3.33
C VAL A 307 16.50 3.94 2.97
N ILE A 308 17.63 3.99 2.25
CA ILE A 308 18.17 5.26 1.81
C ILE A 308 17.25 5.92 0.80
N ALA A 309 16.73 5.13 -0.15
CA ALA A 309 15.80 5.68 -1.14
C ALA A 309 14.56 6.26 -0.49
N SER A 310 14.11 5.68 0.62
CA SER A 310 12.99 6.24 1.36
C SER A 310 13.41 7.47 2.15
N ALA A 311 14.68 7.54 2.57
CA ALA A 311 15.12 8.65 3.40
C ALA A 311 15.22 9.95 2.60
N VAL A 312 15.57 9.85 1.32
CA VAL A 312 15.62 11.05 0.49
C VAL A 312 14.21 11.49 0.13
N ARG A 313 13.30 10.54 -0.10
CA ARG A 313 11.93 10.89 -0.42
C ARG A 313 11.23 11.61 0.73
N ILE A 314 11.41 11.10 1.95
CA ILE A 314 10.79 11.74 3.10
C ILE A 314 11.44 13.09 3.40
N SER A 315 12.77 13.16 3.25
CA SER A 315 13.45 14.43 3.45
C SER A 315 13.17 15.43 2.34
N ASP A 316 12.79 14.97 1.14
CA ASP A 316 12.37 15.88 0.10
C ASP A 316 11.10 16.62 0.49
N LEU A 317 10.16 15.91 1.12
CA LEU A 317 8.89 16.51 1.53
C LEU A 317 9.06 17.35 2.79
N THR A 318 9.59 16.73 3.86
CA THR A 318 9.60 17.40 5.17
C THR A 318 10.46 18.65 5.15
N ASP A 319 11.63 18.59 4.50
CA ASP A 319 12.53 19.75 4.46
C ASP A 319 12.15 20.69 3.32
N GLN A 320 10.94 21.24 3.45
CA GLN A 320 10.47 22.33 2.60
C GLN A 320 10.20 23.55 3.47
N LYS A 321 10.23 24.72 2.86
CA LYS A 321 10.01 25.94 3.62
C LYS A 321 8.51 26.17 3.81
N PRO A 322 8.02 26.24 5.04
CA PRO A 322 6.64 26.67 5.25
C PRO A 322 6.51 28.15 4.94
N GLU A 323 5.82 28.46 3.85
CA GLU A 323 5.75 29.83 3.37
C GLU A 323 4.93 30.74 4.27
N VAL A 324 4.20 30.19 5.23
CA VAL A 324 3.38 30.97 6.15
C VAL A 324 3.93 30.78 7.55
N THR A 325 4.21 31.89 8.23
CA THR A 325 4.67 31.87 9.60
C THR A 325 3.69 32.65 10.47
N PHE A 326 3.59 32.25 11.73
CA PHE A 326 2.62 32.82 12.65
C PHE A 326 3.33 33.38 13.88
N PRO A 327 3.04 34.62 14.26
CA PRO A 327 3.66 35.17 15.47
C PRO A 327 3.24 34.42 16.72
N ASP A 328 4.14 34.35 17.69
CA ASP A 328 3.85 33.73 18.98
C ASP A 328 3.48 34.82 19.98
N THR A 329 2.24 35.29 19.84
CA THR A 329 1.68 36.31 20.72
C THR A 329 0.25 35.92 21.07
N GLN A 330 -0.12 36.15 22.32
CA GLN A 330 -1.48 35.84 22.77
C GLN A 330 -2.39 37.01 22.47
N THR A 331 -3.50 36.72 21.80
CA THR A 331 -4.47 37.74 21.41
C THR A 331 -5.87 37.31 21.83
N ARG A 332 -6.73 38.30 22.02
CA ARG A 332 -8.11 38.05 22.44
C ARG A 332 -8.99 37.95 21.20
N VAL A 333 -9.58 36.78 20.99
CA VAL A 333 -10.49 36.59 19.86
C VAL A 333 -11.76 37.40 20.11
N ALA A 334 -12.13 38.22 19.13
CA ALA A 334 -13.27 39.09 19.30
C ALA A 334 -14.57 38.36 19.02
N ASP A 335 -15.66 38.86 19.59
CA ASP A 335 -16.98 38.32 19.34
C ASP A 335 -17.57 38.82 18.03
N ARG A 336 -16.97 39.84 17.43
CA ARG A 336 -17.40 40.38 16.14
C ARG A 336 -16.18 40.58 15.26
N VAL A 337 -16.27 40.14 14.02
CA VAL A 337 -15.17 40.23 13.06
C VAL A 337 -15.63 41.09 11.90
N SER A 338 -14.87 42.16 11.62
CA SER A 338 -15.15 43.07 10.53
C SER A 338 -14.07 42.86 9.47
N LEU A 339 -14.30 41.90 8.59
CA LEU A 339 -13.33 41.58 7.55
C LEU A 339 -13.31 42.66 6.48
N THR A 340 -12.11 43.15 6.16
CA THR A 340 -11.94 44.11 5.08
C THR A 340 -10.78 43.67 4.20
N LEU A 341 -11.00 43.72 2.89
CA LEU A 341 -10.01 43.32 1.90
C LEU A 341 -9.60 44.55 1.10
N ARG A 342 -8.29 44.71 0.91
CA ARG A 342 -7.75 45.88 0.22
C ARG A 342 -6.77 45.42 -0.84
N ASP A 343 -7.19 45.53 -2.11
CA ASP A 343 -6.35 45.23 -3.26
C ASP A 343 -5.84 43.78 -3.22
N VAL A 344 -6.77 42.84 -3.03
CA VAL A 344 -6.44 41.43 -2.92
C VAL A 344 -6.95 40.71 -4.18
N GLN A 345 -6.13 39.82 -4.70
CA GLN A 345 -6.47 39.09 -5.92
C GLN A 345 -7.48 38.00 -5.58
N PHE A 346 -8.74 38.21 -5.96
CA PHE A 346 -9.80 37.26 -5.61
C PHE A 346 -9.64 35.93 -6.32
N THR A 347 -8.89 35.88 -7.42
CA THR A 347 -8.74 34.66 -8.20
C THR A 347 -7.34 34.61 -8.78
N TYR A 348 -6.75 33.41 -8.81
CA TYR A 348 -5.44 33.25 -9.44
C TYR A 348 -5.50 33.73 -10.88
N PRO A 349 -4.45 34.43 -11.31
CA PRO A 349 -4.45 35.09 -12.60
C PRO A 349 -4.70 34.09 -13.73
N GLU A 350 -5.59 34.46 -14.65
CA GLU A 350 -5.92 33.64 -15.79
C GLU A 350 -5.40 34.31 -17.06
N GLN A 351 -4.87 33.49 -17.98
CA GLN A 351 -4.31 33.94 -19.24
C GLN A 351 -3.11 34.86 -19.06
N SER A 352 -2.51 34.83 -17.87
CA SER A 352 -1.31 35.63 -17.55
C SER A 352 -1.53 37.11 -17.85
N GLN A 353 -2.69 37.63 -17.44
CA GLN A 353 -2.99 39.04 -17.67
C GLN A 353 -2.03 39.94 -16.89
N GLN A 354 -1.77 39.60 -15.63
CA GLN A 354 -0.85 40.32 -14.74
C GLN A 354 -1.28 41.75 -14.46
N ALA A 355 -2.46 42.16 -14.95
CA ALA A 355 -2.97 43.51 -14.73
C ALA A 355 -4.29 43.53 -14.00
N LEU A 356 -4.67 42.43 -13.35
CA LEU A 356 -5.92 42.34 -12.62
C LEU A 356 -5.73 42.97 -11.24
N LYS A 357 -6.23 44.21 -11.09
CA LYS A 357 -6.14 44.93 -9.79
C LYS A 357 -6.97 44.18 -8.76
N GLY A 358 -6.46 44.05 -7.54
CA GLY A 358 -7.16 43.31 -6.50
C GLY A 358 -8.46 43.97 -6.10
N ILE A 359 -9.40 43.14 -5.64
CA ILE A 359 -10.68 43.66 -5.19
C ILE A 359 -10.52 44.39 -3.86
N SER A 360 -11.56 45.14 -3.48
CA SER A 360 -11.54 45.99 -2.30
C SER A 360 -12.79 45.76 -1.46
N LEU A 361 -13.10 44.50 -1.20
CA LEU A 361 -14.29 44.13 -0.44
C LEU A 361 -14.20 44.67 0.99
N GLN A 362 -15.35 44.79 1.63
CA GLN A 362 -15.44 45.26 3.02
C GLN A 362 -16.66 44.62 3.66
N VAL A 363 -16.43 43.72 4.61
CA VAL A 363 -17.49 42.98 5.28
C VAL A 363 -17.61 43.51 6.70
N ASN A 364 -18.80 43.96 7.07
CA ASN A 364 -19.00 44.60 8.37
C ASN A 364 -19.10 43.53 9.46
N ALA A 365 -19.43 43.96 10.67
CA ALA A 365 -19.28 43.10 11.85
C ALA A 365 -20.37 42.04 11.97
N GLY A 366 -21.44 42.13 11.19
CA GLY A 366 -22.49 41.12 11.31
C GLY A 366 -23.22 40.77 10.03
N GLU A 367 -22.72 41.22 8.89
CA GLU A 367 -23.46 41.12 7.64
C GLU A 367 -23.00 39.96 6.79
N HIS A 368 -23.96 39.28 6.17
CA HIS A 368 -23.68 38.22 5.22
C HIS A 368 -23.24 38.80 3.88
N ILE A 369 -22.37 38.07 3.18
CA ILE A 369 -21.87 38.48 1.88
C ILE A 369 -21.84 37.25 0.97
N ALA A 370 -22.18 37.45 -0.30
CA ALA A 370 -22.15 36.40 -1.30
C ALA A 370 -21.38 36.88 -2.51
N ILE A 371 -20.25 36.25 -2.80
CA ILE A 371 -19.46 36.57 -3.99
C ILE A 371 -19.96 35.68 -5.13
N LEU A 372 -20.52 36.31 -6.15
CA LEU A 372 -21.14 35.59 -7.27
C LEU A 372 -20.17 35.59 -8.44
N GLY A 373 -19.45 34.48 -8.62
CA GLY A 373 -18.56 34.30 -9.73
C GLY A 373 -19.17 33.50 -10.86
N ARG A 374 -18.35 33.18 -11.84
CA ARG A 374 -18.76 32.34 -12.96
C ARG A 374 -18.01 31.01 -12.91
N THR A 375 -18.72 29.95 -13.25
CA THR A 375 -18.14 28.61 -13.13
C THR A 375 -17.07 28.39 -14.21
N GLY A 376 -15.97 27.75 -13.80
CA GLY A 376 -14.92 27.38 -14.71
C GLY A 376 -14.04 28.51 -15.19
N CYS A 377 -14.37 29.75 -14.86
CA CYS A 377 -13.53 30.87 -15.29
C CYS A 377 -12.27 30.96 -14.45
N GLY A 378 -12.37 30.69 -13.15
CA GLY A 378 -11.21 30.71 -12.29
C GLY A 378 -11.50 30.20 -10.89
N LYS A 379 -10.62 29.33 -10.39
CA LYS A 379 -10.73 28.78 -9.01
C LYS A 379 -10.59 29.96 -8.05
N SER A 380 -11.35 29.96 -6.95
CA SER A 380 -11.41 31.10 -6.05
C SER A 380 -10.05 31.44 -5.46
N THR A 381 -9.50 30.56 -4.63
CA THR A 381 -8.27 30.84 -3.89
C THR A 381 -8.38 32.14 -3.09
N LEU A 382 -9.60 32.50 -2.70
CA LEU A 382 -9.84 33.61 -1.80
C LEU A 382 -9.96 33.18 -0.35
N LEU A 383 -10.67 32.09 -0.09
CA LEU A 383 -10.73 31.51 1.23
C LEU A 383 -9.47 30.74 1.58
N GLN A 384 -8.54 30.58 0.63
CA GLN A 384 -7.24 29.99 0.95
C GLN A 384 -6.32 31.03 1.56
N GLN A 385 -6.20 32.20 0.94
CA GLN A 385 -5.40 33.27 1.51
C GLN A 385 -6.08 33.92 2.71
N LEU A 386 -7.36 33.64 2.93
CA LEU A 386 -8.07 34.16 4.09
C LEU A 386 -7.96 33.23 5.30
N THR A 387 -7.56 31.99 5.09
CA THR A 387 -7.17 31.09 6.17
C THR A 387 -5.66 30.97 6.28
N ARG A 388 -4.92 31.84 5.60
CA ARG A 388 -3.45 31.85 5.61
C ARG A 388 -2.87 30.54 5.11
N ALA A 389 -3.45 30.02 4.01
CA ALA A 389 -2.78 28.94 3.30
C ALA A 389 -1.49 29.44 2.65
N TRP A 390 -1.51 30.67 2.12
CA TRP A 390 -0.32 31.34 1.65
C TRP A 390 -0.52 32.84 1.83
N ASP A 391 0.59 33.56 1.87
CA ASP A 391 0.52 35.00 2.04
C ASP A 391 0.03 35.67 0.76
N PRO A 392 -0.86 36.66 0.85
CA PRO A 392 -1.33 37.36 -0.34
C PRO A 392 -0.23 38.23 -0.93
N GLN A 393 0.11 37.97 -2.19
CA GLN A 393 1.14 38.73 -2.88
C GLN A 393 0.63 40.07 -3.41
N GLN A 394 -0.68 40.29 -3.42
CA GLN A 394 -1.25 41.47 -4.04
C GLN A 394 -1.43 42.63 -3.06
N GLY A 395 -2.18 42.44 -1.99
CA GLY A 395 -2.47 43.54 -1.09
C GLY A 395 -2.52 43.19 0.39
N GLU A 396 -3.53 43.71 1.08
CA GLU A 396 -3.66 43.58 2.52
C GLU A 396 -5.00 42.95 2.87
N ILE A 397 -4.98 41.96 3.74
CA ILE A 397 -6.19 41.32 4.25
C ILE A 397 -6.25 41.61 5.73
N LEU A 398 -6.98 42.66 6.10
CA LEU A 398 -7.14 43.01 7.50
C LEU A 398 -8.32 42.26 8.09
N LEU A 399 -8.15 41.81 9.34
CA LEU A 399 -9.16 41.02 10.04
C LEU A 399 -9.53 41.76 11.31
N ASN A 400 -10.66 42.45 11.30
CA ASN A 400 -11.14 43.25 12.43
C ASN A 400 -10.14 44.36 12.74
N ASP A 401 -9.87 45.20 11.73
CA ASP A 401 -9.01 46.38 11.81
C ASP A 401 -7.55 46.06 12.06
N SER A 402 -7.18 44.77 12.07
CA SER A 402 -5.80 44.36 12.26
C SER A 402 -5.39 43.40 11.15
N PRO A 403 -4.12 43.40 10.76
CA PRO A 403 -3.68 42.50 9.69
C PRO A 403 -3.87 41.04 10.09
N ILE A 404 -4.15 40.22 9.07
CA ILE A 404 -4.33 38.78 9.32
C ILE A 404 -3.01 38.13 9.69
N ALA A 405 -1.89 38.66 9.19
CA ALA A 405 -0.59 38.06 9.47
C ALA A 405 -0.11 38.33 10.89
N SER A 406 -0.73 39.27 11.60
CA SER A 406 -0.36 39.59 12.98
C SER A 406 -1.27 38.86 13.98
N LEU A 407 -1.74 37.68 13.63
CA LEU A 407 -2.66 36.91 14.46
C LEU A 407 -2.06 35.55 14.75
N ASN A 408 -2.16 35.13 16.00
CA ASN A 408 -1.62 33.84 16.41
C ASN A 408 -2.31 32.71 15.66
N GLU A 409 -1.56 31.66 15.33
CA GLU A 409 -2.17 30.50 14.60
C GLU A 409 -3.34 29.96 15.43
N ALA A 410 -3.15 29.77 16.74
CA ALA A 410 -4.26 29.28 17.54
C ALA A 410 -5.44 30.24 17.51
N ALA A 411 -5.16 31.54 17.54
CA ALA A 411 -6.23 32.54 17.51
C ALA A 411 -6.77 32.78 16.11
N LEU A 412 -6.04 32.36 15.07
CA LEU A 412 -6.57 32.50 13.73
C LEU A 412 -7.61 31.43 13.43
N ARG A 413 -7.43 30.23 13.97
CA ARG A 413 -8.39 29.16 13.74
C ARG A 413 -9.65 29.33 14.59
N GLN A 414 -9.57 30.10 15.67
CA GLN A 414 -10.73 30.34 16.52
C GLN A 414 -11.58 31.51 16.04
N THR A 415 -11.07 32.33 15.12
CA THR A 415 -11.81 33.45 14.60
C THR A 415 -12.35 33.22 13.19
N ILE A 416 -12.01 32.09 12.57
CA ILE A 416 -12.48 31.76 11.23
C ILE A 416 -12.90 30.30 11.22
N SER A 417 -14.11 30.02 10.73
CA SER A 417 -14.61 28.67 10.58
C SER A 417 -15.04 28.47 9.13
N VAL A 418 -14.23 27.76 8.36
CA VAL A 418 -14.45 27.58 6.93
C VAL A 418 -15.01 26.18 6.68
N VAL A 419 -16.03 26.12 5.83
CA VAL A 419 -16.51 24.85 5.28
C VAL A 419 -15.99 24.75 3.85
N PRO A 420 -15.21 23.72 3.54
CA PRO A 420 -14.59 23.64 2.21
C PRO A 420 -15.47 22.87 1.22
N GLN A 421 -15.10 22.99 -0.06
CA GLN A 421 -15.76 22.20 -1.09
C GLN A 421 -15.51 20.71 -0.87
N ARG A 422 -14.24 20.36 -0.66
CA ARG A 422 -13.86 18.95 -0.40
C ARG A 422 -13.85 18.73 1.12
N VAL A 423 -14.96 18.25 1.66
CA VAL A 423 -15.10 17.98 3.09
C VAL A 423 -14.61 16.56 3.36
N HIS A 424 -13.78 16.42 4.39
CA HIS A 424 -13.09 15.17 4.69
C HIS A 424 -13.86 14.39 5.74
N LEU A 425 -14.08 13.10 5.47
CA LEU A 425 -14.72 12.19 6.40
C LEU A 425 -13.62 11.31 6.99
N PHE A 426 -13.19 11.64 8.20
CA PHE A 426 -12.13 10.89 8.86
C PHE A 426 -12.60 9.48 9.18
N SER A 427 -11.69 8.51 9.04
CA SER A 427 -11.99 7.12 9.36
C SER A 427 -12.01 6.99 10.89
N ALA A 428 -13.15 7.36 11.47
CA ALA A 428 -13.34 7.34 12.91
C ALA A 428 -14.84 7.36 13.18
N THR A 429 -15.19 7.45 14.45
CA THR A 429 -16.60 7.51 14.83
C THR A 429 -17.20 8.84 14.41
N LEU A 430 -18.54 8.85 14.32
CA LEU A 430 -19.24 10.10 14.04
C LEU A 430 -18.98 11.13 15.13
N ARG A 431 -18.79 10.69 16.37
CA ARG A 431 -18.42 11.61 17.44
C ARG A 431 -17.06 12.24 17.18
N ASP A 432 -16.09 11.43 16.72
CA ASP A 432 -14.76 11.94 16.45
C ASP A 432 -14.73 12.83 15.21
N ASN A 433 -15.63 12.61 14.25
CA ASN A 433 -15.74 13.48 13.08
C ASN A 433 -16.34 14.83 13.42
N LEU A 434 -16.89 15.01 14.61
CA LEU A 434 -17.50 16.25 15.04
C LEU A 434 -16.80 16.91 16.22
N LEU A 435 -16.14 16.13 17.08
CA LEU A 435 -15.25 16.70 18.08
C LEU A 435 -14.06 17.40 17.44
N LEU A 436 -13.81 17.16 16.15
CA LEU A 436 -12.81 17.90 15.41
C LEU A 436 -13.02 19.40 15.54
N ALA A 437 -14.26 19.87 15.32
CA ALA A 437 -14.56 21.29 15.45
C ALA A 437 -14.34 21.78 16.86
N SER A 438 -15.12 21.26 17.81
CA SER A 438 -14.99 21.62 19.22
C SER A 438 -14.41 20.44 19.99
N PRO A 439 -13.24 20.56 20.59
CA PRO A 439 -12.65 19.41 21.29
C PRO A 439 -13.24 19.09 22.66
N GLY A 440 -13.80 20.08 23.35
CA GLY A 440 -14.54 19.84 24.56
C GLY A 440 -16.00 20.23 24.38
N SER A 441 -16.88 19.25 24.32
CA SER A 441 -18.29 19.51 24.04
C SER A 441 -19.12 18.36 24.59
N SER A 442 -20.26 18.70 25.19
CA SER A 442 -21.14 17.68 25.74
C SER A 442 -21.66 16.77 24.65
N ASP A 443 -21.85 15.49 25.02
CA ASP A 443 -22.33 14.52 24.05
C ASP A 443 -23.74 14.83 23.58
N GLU A 444 -24.58 15.39 24.45
CA GLU A 444 -25.92 15.77 24.05
C GLU A 444 -25.90 17.03 23.19
N ALA A 445 -25.08 18.02 23.56
CA ALA A 445 -24.92 19.20 22.74
C ALA A 445 -24.37 18.83 21.37
N LEU A 446 -23.51 17.81 21.31
CA LEU A 446 -23.05 17.30 20.03
C LEU A 446 -24.21 16.71 19.23
N SER A 447 -25.10 15.96 19.89
CA SER A 447 -26.20 15.30 19.21
C SER A 447 -27.28 16.29 18.78
N GLU A 448 -27.42 17.40 19.51
CA GLU A 448 -28.42 18.40 19.14
C GLU A 448 -28.09 19.02 17.78
N ILE A 449 -26.80 19.15 17.47
CA ILE A 449 -26.38 19.70 16.18
C ILE A 449 -26.87 18.83 15.03
N LEU A 450 -26.76 17.51 15.19
CA LEU A 450 -27.13 16.60 14.10
C LEU A 450 -28.60 16.76 13.75
N ARG A 451 -29.47 16.84 14.76
CA ARG A 451 -30.89 17.04 14.51
C ARG A 451 -31.17 18.40 13.90
N ARG A 452 -30.45 19.41 14.40
CA ARG A 452 -30.62 20.83 13.98
C ARG A 452 -30.21 21.04 12.52
N VAL A 453 -29.20 20.31 12.06
CA VAL A 453 -28.67 20.50 10.71
C VAL A 453 -29.29 19.50 9.73
N GLY A 454 -30.31 18.76 10.14
CA GLY A 454 -30.98 17.84 9.24
C GLY A 454 -30.28 16.52 9.04
N LEU A 455 -29.48 16.08 10.01
CA LEU A 455 -28.76 14.81 9.94
C LEU A 455 -29.22 13.83 11.01
N GLU A 456 -30.54 13.75 11.22
CA GLU A 456 -31.10 12.82 12.20
C GLU A 456 -30.91 11.36 11.79
N LYS A 457 -30.71 11.12 10.50
CA LYS A 457 -30.58 9.75 9.94
C LYS A 457 -29.34 9.03 10.50
N LEU A 458 -28.30 9.77 10.87
CA LEU A 458 -27.07 9.16 11.38
C LEU A 458 -27.18 8.76 12.84
N LEU A 459 -28.27 9.13 13.53
CA LEU A 459 -28.49 8.74 14.91
C LEU A 459 -29.39 7.53 15.04
N GLU A 460 -29.71 6.86 13.93
CA GLU A 460 -30.63 5.73 13.98
C GLU A 460 -29.97 4.51 14.61
N ASP A 461 -28.89 4.01 14.00
CA ASP A 461 -28.19 2.83 14.48
C ASP A 461 -26.77 3.23 14.85
N ALA A 462 -26.39 2.99 16.10
CA ALA A 462 -25.06 3.33 16.59
C ALA A 462 -24.74 4.80 16.37
N GLY A 463 -25.74 5.66 16.59
CA GLY A 463 -25.52 7.08 16.43
C GLY A 463 -24.45 7.59 17.39
N LEU A 464 -23.58 8.45 16.89
CA LEU A 464 -22.43 9.02 17.58
C LEU A 464 -21.40 7.95 17.95
N ASN A 465 -21.61 6.70 17.54
CA ASN A 465 -20.60 5.66 17.70
C ASN A 465 -20.36 4.89 16.41
N SER A 466 -21.15 5.13 15.36
CA SER A 466 -20.94 4.45 14.09
C SER A 466 -19.62 4.88 13.47
N TRP A 467 -18.99 3.95 12.76
CA TRP A 467 -17.72 4.22 12.09
C TRP A 467 -18.01 4.82 10.72
N LEU A 468 -17.44 5.99 10.47
CA LEU A 468 -17.55 6.66 9.19
C LEU A 468 -16.23 6.54 8.42
N GLY A 469 -16.33 6.74 7.10
CA GLY A 469 -15.15 6.65 6.25
C GLY A 469 -14.97 5.29 5.62
N GLU A 470 -13.74 4.76 5.66
CA GLU A 470 -13.47 3.49 5.02
C GLU A 470 -14.05 2.32 5.81
N GLY A 471 -14.19 2.47 7.13
CA GLY A 471 -14.78 1.41 7.92
C GLY A 471 -16.22 1.11 7.52
N GLY A 472 -16.96 2.14 7.14
CA GLY A 472 -18.33 1.96 6.70
C GLY A 472 -19.10 3.25 6.81
N ARG A 473 -20.40 3.13 6.53
CA ARG A 473 -21.35 4.25 6.56
C ARG A 473 -20.80 5.45 5.79
N GLN A 474 -20.67 5.26 4.48
CA GLN A 474 -20.26 6.35 3.60
C GLN A 474 -21.43 7.32 3.41
N LEU A 475 -21.08 8.58 3.20
CA LEU A 475 -22.06 9.65 3.04
C LEU A 475 -22.01 10.21 1.62
N SER A 476 -23.15 10.70 1.15
CA SER A 476 -23.25 11.32 -0.15
C SER A 476 -23.16 12.84 -0.01
N GLY A 477 -23.10 13.53 -1.15
CA GLY A 477 -22.84 14.96 -1.13
C GLY A 477 -23.86 15.75 -0.35
N GLY A 478 -25.13 15.34 -0.41
CA GLY A 478 -26.16 16.06 0.30
C GLY A 478 -25.98 16.01 1.81
N GLU A 479 -25.68 14.82 2.34
CA GLU A 479 -25.52 14.66 3.77
C GLU A 479 -24.09 14.88 4.23
N LEU A 480 -23.11 14.77 3.34
CA LEU A 480 -21.73 15.07 3.71
C LEU A 480 -21.48 16.57 3.78
N ARG A 481 -22.24 17.36 3.01
CA ARG A 481 -22.21 18.81 3.15
C ARG A 481 -22.77 19.24 4.51
N ARG A 482 -23.82 18.58 4.97
CA ARG A 482 -24.42 18.94 6.25
C ARG A 482 -23.45 18.72 7.40
N LEU A 483 -22.62 17.69 7.30
CA LEU A 483 -21.60 17.46 8.33
C LEU A 483 -20.59 18.60 8.35
N ALA A 484 -20.21 19.11 7.18
CA ALA A 484 -19.30 20.25 7.13
C ALA A 484 -19.90 21.47 7.78
N ILE A 485 -21.19 21.73 7.53
CA ILE A 485 -21.88 22.83 8.19
C ILE A 485 -21.99 22.55 9.69
N ALA A 486 -22.17 21.28 10.06
CA ALA A 486 -22.24 20.92 11.47
C ALA A 486 -20.95 21.25 12.19
N ARG A 487 -19.81 21.01 11.54
CA ARG A 487 -18.52 21.36 12.12
C ARG A 487 -18.40 22.87 12.33
N ALA A 488 -18.82 23.67 11.34
CA ALA A 488 -18.72 25.12 11.47
C ALA A 488 -19.63 25.67 12.55
N LEU A 489 -20.64 24.92 12.97
CA LEU A 489 -21.54 25.37 14.03
C LEU A 489 -21.02 25.02 15.41
N LEU A 490 -20.40 23.84 15.57
CA LEU A 490 -19.69 23.55 16.81
C LEU A 490 -18.48 24.45 16.97
N HIS A 491 -17.76 24.70 15.88
CA HIS A 491 -16.66 25.66 15.86
C HIS A 491 -17.25 27.06 15.83
N ASP A 492 -17.61 27.56 17.01
CA ASP A 492 -18.33 28.82 17.15
C ASP A 492 -17.36 29.97 16.88
N ALA A 493 -17.14 30.26 15.60
CA ALA A 493 -16.27 31.34 15.20
C ALA A 493 -17.08 32.51 14.66
N PRO A 494 -16.66 33.74 14.96
CA PRO A 494 -17.45 34.91 14.49
C PRO A 494 -17.49 35.06 12.98
N LEU A 495 -16.54 34.50 12.24
CA LEU A 495 -16.48 34.62 10.79
C LEU A 495 -16.53 33.24 10.16
N VAL A 496 -17.43 33.06 9.22
CA VAL A 496 -17.65 31.77 8.55
C VAL A 496 -17.38 31.95 7.06
N LEU A 497 -16.55 31.08 6.50
CA LEU A 497 -16.24 31.09 5.07
C LEU A 497 -16.95 29.92 4.41
N LEU A 498 -17.91 30.23 3.55
CA LEU A 498 -18.69 29.23 2.83
C LEU A 498 -18.06 29.03 1.46
N ASP A 499 -17.51 27.86 1.21
CA ASP A 499 -16.88 27.55 -0.07
C ASP A 499 -17.84 26.66 -0.86
N GLU A 500 -18.34 27.20 -1.98
CA GLU A 500 -19.25 26.55 -2.91
C GLU A 500 -20.29 25.66 -2.23
N PRO A 501 -21.07 26.18 -1.27
CA PRO A 501 -22.13 25.37 -0.69
C PRO A 501 -23.24 25.14 -1.71
N THR A 502 -23.97 24.04 -1.50
CA THR A 502 -25.10 23.68 -2.36
C THR A 502 -24.66 23.51 -3.81
N GLU A 503 -23.48 22.96 -4.01
CA GLU A 503 -22.96 22.68 -5.35
C GLU A 503 -23.04 21.19 -5.63
N GLY A 504 -23.68 20.83 -6.74
CA GLY A 504 -23.93 19.44 -7.05
C GLY A 504 -25.11 18.83 -6.32
N LEU A 505 -25.80 19.62 -5.50
CA LEU A 505 -26.94 19.17 -4.72
C LEU A 505 -28.24 19.36 -5.51
N ASP A 506 -29.28 18.66 -5.07
CA ASP A 506 -30.59 18.83 -5.67
C ASP A 506 -31.26 20.10 -5.13
N ALA A 507 -32.36 20.47 -5.77
CA ALA A 507 -33.04 21.72 -5.41
C ALA A 507 -33.67 21.63 -4.02
N THR A 508 -33.92 20.42 -3.52
CA THR A 508 -34.55 20.28 -2.22
C THR A 508 -33.54 20.44 -1.08
N THR A 509 -32.36 19.83 -1.22
CA THR A 509 -31.34 19.97 -0.20
C THR A 509 -30.73 21.36 -0.20
N GLU A 510 -30.61 21.98 -1.37
CA GLU A 510 -30.09 23.34 -1.44
C GLU A 510 -30.97 24.30 -0.66
N SER A 511 -32.29 24.20 -0.82
CA SER A 511 -33.19 25.07 -0.08
C SER A 511 -33.13 24.77 1.42
N GLN A 512 -32.97 23.50 1.78
CA GLN A 512 -32.86 23.14 3.19
C GLN A 512 -31.56 23.64 3.80
N ILE A 513 -30.52 23.80 2.99
CA ILE A 513 -29.21 24.22 3.50
C ILE A 513 -29.09 25.74 3.50
N LEU A 514 -29.51 26.41 2.43
CA LEU A 514 -29.46 27.87 2.41
C LEU A 514 -30.32 28.47 3.52
N GLU A 515 -31.42 27.81 3.86
CA GLU A 515 -32.20 28.25 5.01
C GLU A 515 -31.47 27.96 6.31
N LEU A 516 -30.60 26.95 6.33
CA LEU A 516 -29.79 26.67 7.51
C LEU A 516 -28.79 27.80 7.77
N LEU A 517 -28.10 28.25 6.72
CA LEU A 517 -27.16 29.37 6.87
C LEU A 517 -27.88 30.62 7.36
N ALA A 518 -29.05 30.90 6.82
CA ALA A 518 -29.70 32.18 7.11
C ALA A 518 -30.26 32.22 8.53
N GLU A 519 -30.52 31.07 9.14
CA GLU A 519 -31.07 31.03 10.49
C GLU A 519 -30.07 30.58 11.54
N MET A 520 -29.04 29.84 11.13
CA MET A 520 -28.03 29.33 12.09
C MET A 520 -26.91 30.37 12.27
N MET A 521 -26.38 30.87 11.16
CA MET A 521 -25.33 31.89 11.15
C MET A 521 -25.92 33.28 11.01
N ARG A 522 -26.90 33.60 11.86
CA ARG A 522 -27.54 34.90 11.83
C ARG A 522 -26.67 35.98 12.47
N GLU A 523 -25.93 35.64 13.52
CA GLU A 523 -25.09 36.58 14.25
C GLU A 523 -23.65 36.58 13.76
N LYS A 524 -23.36 35.85 12.68
CA LYS A 524 -22.00 35.68 12.20
C LYS A 524 -21.86 36.27 10.81
N THR A 525 -20.65 36.74 10.50
CA THR A 525 -20.34 37.27 9.17
C THR A 525 -19.92 36.12 8.28
N VAL A 526 -20.76 35.75 7.34
CA VAL A 526 -20.43 34.69 6.40
C VAL A 526 -19.90 35.32 5.11
N LEU A 527 -19.09 34.56 4.38
CA LEU A 527 -18.49 35.01 3.13
C LEU A 527 -18.58 33.83 2.17
N MET A 528 -19.59 33.85 1.31
CA MET A 528 -20.00 32.68 0.54
C MET A 528 -19.73 32.89 -0.95
N VAL A 529 -19.11 31.90 -1.58
CA VAL A 529 -18.85 31.91 -3.02
C VAL A 529 -19.70 30.81 -3.64
N THR A 530 -20.63 31.19 -4.52
CA THR A 530 -21.63 30.25 -5.01
C THR A 530 -21.57 30.00 -6.51
N HIS A 531 -21.56 31.06 -7.33
CA HIS A 531 -21.92 30.99 -8.76
C HIS A 531 -23.29 30.34 -8.96
N ARG A 532 -24.14 30.42 -7.93
CA ARG A 532 -25.50 29.90 -7.96
C ARG A 532 -26.45 30.96 -7.41
N LEU A 533 -27.38 31.41 -8.26
CA LEU A 533 -28.30 32.48 -7.88
C LEU A 533 -29.51 31.97 -7.12
N ARG A 534 -29.29 31.22 -6.04
CA ARG A 534 -30.37 30.70 -5.22
C ARG A 534 -30.21 31.21 -3.80
N GLY A 535 -31.27 31.81 -3.26
CA GLY A 535 -31.25 32.28 -1.90
C GLY A 535 -30.46 33.54 -1.66
N LEU A 536 -30.03 34.24 -2.72
CA LEU A 536 -29.25 35.45 -2.56
C LEU A 536 -30.08 36.64 -2.09
N SER A 537 -31.42 36.53 -2.10
CA SER A 537 -32.25 37.63 -1.63
C SER A 537 -32.06 37.87 -0.14
N ARG A 538 -31.70 36.84 0.61
CA ARG A 538 -31.47 36.99 2.04
C ARG A 538 -30.05 37.43 2.36
N PHE A 539 -29.13 37.31 1.40
CA PHE A 539 -27.77 37.79 1.57
C PHE A 539 -27.71 39.27 1.19
N GLN A 540 -27.47 40.12 2.16
CA GLN A 540 -27.23 41.53 1.88
C GLN A 540 -25.89 41.70 1.19
N GLN A 541 -25.78 42.74 0.37
CA GLN A 541 -24.54 43.15 -0.26
C GLN A 541 -23.95 42.02 -1.12
N ILE A 542 -24.71 41.67 -2.15
CA ILE A 542 -24.27 40.67 -3.11
C ILE A 542 -23.12 41.22 -3.93
N ILE A 543 -22.09 40.41 -4.15
CA ILE A 543 -20.93 40.79 -4.93
C ILE A 543 -20.90 39.93 -6.19
N VAL A 544 -21.33 40.50 -7.31
CA VAL A 544 -21.29 39.83 -8.61
C VAL A 544 -20.09 40.36 -9.38
N MET A 545 -19.33 39.45 -9.98
CA MET A 545 -18.05 39.85 -10.55
C MET A 545 -17.57 38.81 -11.55
N ASP A 546 -16.74 39.26 -12.49
CA ASP A 546 -16.12 38.37 -13.47
C ASP A 546 -14.68 38.81 -13.70
N ASN A 547 -13.89 37.90 -14.26
CA ASN A 547 -12.49 38.18 -14.63
C ASN A 547 -11.68 38.65 -13.42
N GLY A 548 -12.06 38.23 -12.23
CA GLY A 548 -11.41 38.71 -11.03
C GLY A 548 -11.55 40.20 -10.81
N GLN A 549 -12.70 40.76 -11.19
CA GLN A 549 -12.95 42.19 -11.00
C GLN A 549 -14.43 42.39 -10.70
N ILE A 550 -14.71 43.16 -9.65
CA ILE A 550 -16.09 43.42 -9.23
C ILE A 550 -16.76 44.31 -10.26
N ILE A 551 -17.78 43.76 -10.94
CA ILE A 551 -18.53 44.55 -11.90
C ILE A 551 -19.41 45.56 -11.17
N GLU A 552 -20.25 45.07 -10.27
CA GLU A 552 -21.09 45.92 -9.43
C GLU A 552 -21.44 45.11 -8.19
N GLN A 553 -22.11 45.76 -7.24
CA GLN A 553 -22.37 45.16 -5.94
C GLN A 553 -23.54 45.89 -5.29
N GLY A 554 -24.03 45.32 -4.18
CA GLY A 554 -25.14 45.88 -3.46
C GLY A 554 -26.14 44.83 -2.99
N THR A 555 -27.24 45.27 -2.39
CA THR A 555 -28.27 44.34 -1.97
C THR A 555 -29.03 43.79 -3.18
N HIS A 556 -29.76 42.70 -2.96
CA HIS A 556 -30.38 41.99 -4.08
C HIS A 556 -31.36 42.89 -4.82
N ALA A 557 -32.13 43.71 -4.09
CA ALA A 557 -33.04 44.64 -4.74
C ALA A 557 -32.29 45.66 -5.58
N GLU A 558 -31.16 46.15 -5.07
CA GLU A 558 -30.40 47.16 -5.81
C GLU A 558 -29.83 46.61 -7.11
N LEU A 559 -29.38 45.34 -7.08
CA LEU A 559 -28.90 44.71 -8.31
C LEU A 559 -29.99 44.63 -9.37
N LEU A 560 -31.20 44.24 -8.97
CA LEU A 560 -32.28 44.12 -9.93
C LEU A 560 -32.78 45.48 -10.40
N ALA A 561 -32.72 46.49 -9.54
CA ALA A 561 -33.23 47.81 -9.89
C ALA A 561 -32.43 48.44 -11.02
N ARG A 562 -31.10 48.33 -10.98
CA ARG A 562 -30.25 48.99 -11.96
C ARG A 562 -30.19 48.25 -13.29
N GLN A 563 -30.66 47.00 -13.36
CA GLN A 563 -30.69 46.22 -14.59
C GLN A 563 -29.28 46.07 -15.19
N GLY A 564 -28.39 45.48 -14.41
CA GLY A 564 -27.00 45.29 -14.79
C GLY A 564 -26.66 43.84 -15.08
N ARG A 565 -25.42 43.48 -14.76
CA ARG A 565 -24.95 42.12 -15.01
C ARG A 565 -25.78 41.10 -14.24
N TYR A 566 -26.13 41.40 -13.00
CA TYR A 566 -26.93 40.48 -12.20
C TYR A 566 -28.34 40.32 -12.76
N TYR A 567 -28.89 41.38 -13.36
CA TYR A 567 -30.23 41.29 -13.93
C TYR A 567 -30.26 40.36 -15.14
N GLN A 568 -29.21 40.39 -15.96
CA GLN A 568 -29.13 39.45 -17.08
C GLN A 568 -29.01 38.02 -16.57
N PHE A 569 -28.37 37.83 -15.41
CA PHE A 569 -28.27 36.46 -14.84
C PHE A 569 -29.68 35.91 -14.65
N LYS A 570 -30.51 36.62 -13.88
CA LYS A 570 -31.92 36.20 -13.67
C LYS A 570 -32.74 36.31 -14.97
N GLN A 571 -32.62 37.45 -15.67
CA GLN A 571 -33.44 37.72 -16.90
C GLN A 571 -33.07 36.82 -18.09
N GLY A 572 -31.77 36.67 -18.38
CA GLY A 572 -31.31 35.84 -19.51
C GLY A 572 -30.83 34.50 -19.00
N LEU A 573 -29.74 33.97 -19.60
CA LEU A 573 -29.25 32.58 -19.43
C LEU A 573 -30.41 31.69 -18.95
N LYS B 3 -11.74 -24.25 12.12
CA LYS B 3 -11.80 -23.46 13.35
C LYS B 3 -11.19 -22.08 13.13
N SER B 4 -9.87 -22.00 13.19
CA SER B 4 -9.17 -20.74 13.08
C SER B 4 -9.21 -20.22 11.65
N ARG B 5 -9.27 -18.89 11.51
CA ARG B 5 -9.22 -18.28 10.19
C ARG B 5 -7.88 -18.53 9.50
N GLN B 6 -6.81 -18.53 10.30
CA GLN B 6 -5.43 -18.72 9.79
C GLN B 6 -5.21 -20.14 9.25
N LYS B 7 -6.06 -21.09 9.63
CA LYS B 7 -5.92 -22.45 9.13
C LYS B 7 -6.58 -22.60 7.75
N GLU B 8 -7.72 -21.94 7.53
CA GLU B 8 -8.32 -21.96 6.21
C GLU B 8 -7.60 -21.05 5.23
N LEU B 9 -6.74 -20.16 5.72
CA LEU B 9 -5.88 -19.35 4.86
C LEU B 9 -4.58 -20.06 4.53
N THR B 10 -4.02 -20.79 5.50
CA THR B 10 -2.86 -21.63 5.20
C THR B 10 -3.27 -22.84 4.38
N ARG B 11 -4.51 -23.31 4.55
CA ARG B 11 -5.04 -24.35 3.68
C ARG B 11 -5.21 -23.82 2.26
N TRP B 12 -5.73 -22.60 2.12
CA TRP B 12 -5.88 -22.00 0.80
C TRP B 12 -4.53 -21.81 0.12
N LEU B 13 -3.50 -21.46 0.90
CA LEU B 13 -2.17 -21.25 0.32
C LEU B 13 -1.59 -22.54 -0.23
N LYS B 14 -1.83 -23.68 0.42
CA LYS B 14 -1.30 -24.94 -0.06
C LYS B 14 -2.09 -25.46 -1.26
N GLN B 15 -3.39 -25.17 -1.32
CA GLN B 15 -4.15 -25.52 -2.51
C GLN B 15 -3.70 -24.73 -3.73
N GLN B 16 -3.10 -23.55 -3.52
CA GLN B 16 -2.52 -22.79 -4.62
C GLN B 16 -1.12 -23.27 -4.99
N SER B 17 -0.50 -24.11 -4.14
CA SER B 17 0.87 -24.56 -4.37
C SER B 17 0.95 -25.69 -5.38
N VAL B 18 -0.17 -26.30 -5.75
CA VAL B 18 -0.14 -27.37 -6.75
C VAL B 18 0.13 -26.85 -8.15
N ILE B 19 0.10 -25.53 -8.34
CA ILE B 19 0.42 -24.94 -9.64
C ILE B 19 1.86 -25.28 -10.03
N SER B 20 2.78 -25.13 -9.08
CA SER B 20 4.17 -25.54 -9.26
C SER B 20 4.47 -26.60 -8.20
N GLN B 21 4.13 -27.84 -8.51
CA GLN B 21 4.45 -28.99 -7.66
C GLN B 21 5.71 -29.70 -8.11
N ARG B 22 6.05 -29.62 -9.39
CA ARG B 22 7.33 -30.14 -9.85
C ARG B 22 8.48 -29.38 -9.21
N TRP B 23 8.36 -28.05 -9.09
CA TRP B 23 9.41 -27.25 -8.50
C TRP B 23 9.53 -27.51 -6.99
N LEU B 24 8.40 -27.73 -6.32
CA LEU B 24 8.45 -28.01 -4.89
C LEU B 24 8.97 -29.41 -4.61
N ASN B 25 8.77 -30.35 -5.53
CA ASN B 25 9.32 -31.69 -5.37
C ASN B 25 10.81 -31.74 -5.65
N ILE B 26 11.29 -30.92 -6.59
CA ILE B 26 12.73 -30.82 -6.81
C ILE B 26 13.41 -30.17 -5.61
N SER B 27 12.80 -29.13 -5.05
CA SER B 27 13.35 -28.49 -3.87
C SER B 27 13.32 -29.42 -2.66
N ARG B 28 12.32 -30.32 -2.61
CA ARG B 28 12.29 -31.32 -1.56
C ARG B 28 13.33 -32.41 -1.80
N LEU B 29 13.60 -32.73 -3.06
CA LEU B 29 14.63 -33.72 -3.38
C LEU B 29 16.01 -33.14 -3.17
N LEU B 30 16.22 -31.88 -3.57
CA LEU B 30 17.52 -31.23 -3.35
C LEU B 30 17.79 -30.98 -1.88
N GLY B 31 16.74 -30.76 -1.09
CA GLY B 31 16.93 -30.61 0.34
C GLY B 31 17.28 -31.90 1.03
N PHE B 32 16.91 -33.03 0.44
CA PHE B 32 17.35 -34.32 0.95
C PHE B 32 18.80 -34.59 0.61
N VAL B 33 19.24 -34.10 -0.56
CA VAL B 33 20.65 -34.20 -0.93
C VAL B 33 21.50 -33.36 0.00
N SER B 34 20.98 -32.21 0.45
CA SER B 34 21.71 -31.38 1.40
C SER B 34 21.97 -32.13 2.69
N GLY B 35 20.98 -32.86 3.18
CA GLY B 35 21.17 -33.62 4.41
C GLY B 35 22.25 -34.68 4.28
N ILE B 36 22.34 -35.30 3.10
CA ILE B 36 23.38 -36.28 2.86
C ILE B 36 24.75 -35.60 2.82
N LEU B 37 24.84 -34.44 2.17
CA LEU B 37 26.11 -33.74 2.08
C LEU B 37 26.52 -33.11 3.40
N ILE B 38 25.55 -32.78 4.25
CA ILE B 38 25.86 -32.29 5.59
C ILE B 38 26.41 -33.43 6.44
N ILE B 39 25.85 -34.63 6.29
CA ILE B 39 26.35 -35.78 7.03
C ILE B 39 27.74 -36.16 6.55
N ALA B 40 27.94 -36.20 5.24
CA ALA B 40 29.26 -36.53 4.70
C ALA B 40 30.29 -35.47 5.07
N GLN B 41 29.91 -34.20 5.03
CA GLN B 41 30.82 -33.13 5.41
C GLN B 41 31.23 -33.25 6.88
N ALA B 42 30.28 -33.61 7.74
CA ALA B 42 30.62 -33.80 9.15
C ALA B 42 31.41 -35.08 9.37
N TRP B 43 31.30 -36.05 8.47
CA TRP B 43 32.03 -37.30 8.64
C TRP B 43 33.50 -37.12 8.29
N PHE B 44 33.80 -36.34 7.25
CA PHE B 44 35.20 -36.09 6.90
C PHE B 44 35.87 -35.14 7.88
N MET B 45 35.10 -34.25 8.51
CA MET B 45 35.66 -33.41 9.57
C MET B 45 35.95 -34.22 10.81
N ALA B 46 35.03 -35.10 11.21
CA ALA B 46 35.24 -35.92 12.40
C ALA B 46 36.41 -36.88 12.21
N ARG B 47 36.51 -37.43 10.99
CA ARG B 47 37.58 -38.40 10.65
C ARG B 47 38.94 -37.69 10.69
N ILE B 48 39.04 -36.52 10.06
CA ILE B 48 40.29 -35.76 10.02
C ILE B 48 40.71 -35.36 11.42
N LEU B 49 39.75 -34.85 12.21
CA LEU B 49 40.08 -34.36 13.55
C LEU B 49 40.59 -35.49 14.43
N GLN B 50 40.04 -36.69 14.29
CA GLN B 50 40.51 -37.82 15.10
C GLN B 50 41.95 -38.17 14.77
N HIS B 51 42.31 -38.16 13.48
CA HIS B 51 43.69 -38.44 13.10
C HIS B 51 44.64 -37.38 13.64
N MET B 52 44.23 -36.11 13.58
CA MET B 52 45.13 -35.02 13.93
C MET B 52 45.26 -34.87 15.45
N ILE B 53 44.27 -35.34 16.20
CA ILE B 53 44.25 -35.18 17.65
C ILE B 53 44.70 -36.44 18.37
N MET B 54 44.10 -37.59 18.04
CA MET B 54 44.44 -38.82 18.73
C MET B 54 45.67 -39.49 18.15
N GLU B 55 45.73 -39.64 16.83
CA GLU B 55 46.81 -40.35 16.18
C GLU B 55 48.00 -39.44 15.84
N ASN B 56 47.86 -38.13 16.04
CA ASN B 56 48.93 -37.16 15.77
C ASN B 56 49.46 -37.27 14.34
N ILE B 57 48.57 -37.57 13.41
CA ILE B 57 48.98 -37.71 12.01
C ILE B 57 49.24 -36.32 11.42
N PRO B 58 50.37 -36.11 10.75
CA PRO B 58 50.63 -34.80 10.13
C PRO B 58 49.60 -34.49 9.06
N ARG B 59 49.32 -33.19 8.89
CA ARG B 59 48.31 -32.75 7.94
C ARG B 59 48.69 -33.07 6.50
N GLU B 60 49.98 -33.26 6.21
CA GLU B 60 50.40 -33.52 4.83
C GLU B 60 50.08 -34.94 4.40
N ALA B 61 49.83 -35.85 5.35
CA ALA B 61 49.43 -37.21 5.03
C ALA B 61 47.92 -37.39 4.99
N LEU B 62 47.15 -36.32 5.22
CA LEU B 62 45.70 -36.36 5.21
C LEU B 62 45.13 -35.62 4.01
N LEU B 63 45.85 -35.64 2.88
CA LEU B 63 45.40 -34.89 1.71
C LEU B 63 44.15 -35.50 1.08
N LEU B 64 44.02 -36.82 1.11
CA LEU B 64 42.81 -37.44 0.57
C LEU B 64 41.55 -37.06 1.33
N PRO B 65 41.49 -37.19 2.67
CA PRO B 65 40.28 -36.71 3.37
C PRO B 65 40.05 -35.23 3.23
N PHE B 66 41.11 -34.42 3.16
CA PHE B 66 40.95 -32.98 2.97
C PHE B 66 40.32 -32.68 1.61
N THR B 67 40.74 -33.38 0.57
CA THR B 67 40.18 -33.17 -0.76
C THR B 67 38.71 -33.57 -0.80
N LEU B 68 38.36 -34.69 -0.16
CA LEU B 68 36.97 -35.11 -0.12
C LEU B 68 36.12 -34.15 0.71
N LEU B 69 36.72 -33.50 1.70
CA LEU B 69 36.00 -32.49 2.47
C LEU B 69 35.79 -31.21 1.68
N VAL B 70 36.76 -30.84 0.84
CA VAL B 70 36.59 -29.68 -0.02
C VAL B 70 35.56 -29.97 -1.11
N LEU B 71 35.59 -31.19 -1.67
CA LEU B 71 34.63 -31.55 -2.70
C LEU B 71 33.20 -31.56 -2.18
N THR B 72 32.99 -32.02 -0.94
CA THR B 72 31.65 -32.04 -0.39
C THR B 72 31.20 -30.69 0.11
N PHE B 73 32.11 -29.73 0.28
CA PHE B 73 31.70 -28.36 0.55
C PHE B 73 31.25 -27.65 -0.72
N VAL B 74 31.94 -27.90 -1.83
CA VAL B 74 31.55 -27.31 -3.11
C VAL B 74 30.19 -27.86 -3.54
N LEU B 75 29.97 -29.16 -3.34
CA LEU B 75 28.67 -29.74 -3.66
C LEU B 75 27.57 -29.17 -2.77
N ARG B 76 27.89 -28.91 -1.50
CA ARG B 76 26.90 -28.29 -0.62
C ARG B 76 26.53 -26.90 -1.10
N ALA B 77 27.52 -26.12 -1.54
CA ALA B 77 27.24 -24.78 -2.07
C ALA B 77 26.46 -24.85 -3.37
N TRP B 78 26.73 -25.88 -4.19
CA TRP B 78 26.00 -26.03 -5.45
C TRP B 78 24.53 -26.36 -5.20
N VAL B 79 24.26 -27.23 -4.22
CA VAL B 79 22.88 -27.61 -3.95
C VAL B 79 22.10 -26.44 -3.38
N VAL B 80 22.74 -25.62 -2.54
CA VAL B 80 22.09 -24.41 -2.04
C VAL B 80 21.76 -23.47 -3.19
N TRP B 81 22.70 -23.31 -4.12
CA TRP B 81 22.45 -22.48 -5.30
C TRP B 81 21.30 -23.04 -6.13
N LEU B 82 21.30 -24.36 -6.37
CA LEU B 82 20.22 -24.98 -7.11
C LEU B 82 18.90 -24.89 -6.36
N ARG B 83 18.92 -25.16 -5.05
CA ARG B 83 17.68 -25.17 -4.28
C ARG B 83 17.10 -23.78 -4.12
N GLU B 84 17.94 -22.74 -4.19
CA GLU B 84 17.46 -21.37 -4.10
C GLU B 84 16.84 -20.89 -5.41
N ARG B 85 17.39 -21.34 -6.55
CA ARG B 85 16.81 -20.98 -7.84
C ARG B 85 15.53 -21.77 -8.11
N VAL B 86 15.48 -23.03 -7.70
CA VAL B 86 14.28 -23.83 -7.84
C VAL B 86 13.17 -23.29 -6.96
N GLY B 87 13.53 -22.73 -5.79
CA GLY B 87 12.52 -22.14 -4.92
C GLY B 87 11.86 -20.93 -5.56
N TYR B 88 12.64 -20.11 -6.27
CA TYR B 88 12.04 -18.98 -6.97
C TYR B 88 11.03 -19.45 -8.01
N HIS B 89 11.39 -20.47 -8.78
CA HIS B 89 10.48 -20.95 -9.83
C HIS B 89 9.18 -21.46 -9.24
N ALA B 90 9.21 -22.00 -8.03
CA ALA B 90 7.98 -22.46 -7.39
C ALA B 90 7.04 -21.30 -7.10
N GLY B 91 7.59 -20.20 -6.57
CA GLY B 91 6.75 -19.06 -6.22
C GLY B 91 6.37 -18.19 -7.40
N GLN B 92 7.21 -18.14 -8.43
CA GLN B 92 6.90 -17.31 -9.59
C GLN B 92 5.71 -17.87 -10.36
N HIS B 93 5.71 -19.18 -10.59
CA HIS B 93 4.63 -19.79 -11.37
C HIS B 93 3.32 -19.83 -10.60
N ILE B 94 3.36 -19.71 -9.27
CA ILE B 94 2.13 -19.62 -8.49
C ILE B 94 1.56 -18.22 -8.54
N ARG B 95 2.42 -17.20 -8.44
CA ARG B 95 1.96 -15.82 -8.57
C ARG B 95 1.44 -15.54 -9.97
N PHE B 96 2.12 -16.08 -11.00
CA PHE B 96 1.67 -15.87 -12.37
C PHE B 96 0.29 -16.48 -12.62
N ALA B 97 -0.03 -17.58 -11.94
CA ALA B 97 -1.32 -18.21 -12.14
C ALA B 97 -2.41 -17.56 -11.30
N ILE B 98 -2.07 -17.09 -10.10
CA ILE B 98 -3.06 -16.39 -9.28
C ILE B 98 -3.36 -15.01 -9.89
N ARG B 99 -2.33 -14.32 -10.39
CA ARG B 99 -2.55 -13.03 -11.02
C ARG B 99 -3.43 -13.17 -12.26
N ARG B 100 -3.27 -14.26 -13.00
CA ARG B 100 -4.14 -14.53 -14.13
C ARG B 100 -5.57 -14.78 -13.68
N GLN B 101 -5.75 -15.48 -12.56
CA GLN B 101 -7.09 -15.74 -12.04
C GLN B 101 -7.75 -14.45 -11.56
N VAL B 102 -6.97 -13.57 -10.92
CA VAL B 102 -7.52 -12.30 -10.45
C VAL B 102 -7.91 -11.42 -11.62
N LEU B 103 -7.08 -11.37 -12.65
CA LEU B 103 -7.39 -10.53 -13.82
C LEU B 103 -8.52 -11.13 -14.64
N ASP B 104 -8.59 -12.46 -14.71
CA ASP B 104 -9.70 -13.11 -15.39
C ASP B 104 -11.02 -12.82 -14.67
N ARG B 105 -10.99 -12.87 -13.35
CA ARG B 105 -12.21 -12.65 -12.53
C ARG B 105 -12.55 -11.17 -12.46
N LEU B 106 -11.57 -10.29 -12.66
CA LEU B 106 -11.79 -8.86 -12.65
C LEU B 106 -12.23 -8.32 -14.00
N GLN B 107 -12.02 -9.08 -15.07
CA GLN B 107 -12.52 -8.72 -16.39
C GLN B 107 -13.92 -9.29 -16.64
N GLN B 108 -14.20 -10.48 -16.11
CA GLN B 108 -15.55 -11.02 -16.20
C GLN B 108 -16.55 -10.15 -15.43
N ALA B 109 -16.15 -9.65 -14.27
CA ALA B 109 -17.01 -8.76 -13.50
C ALA B 109 -17.31 -7.48 -14.27
N GLY B 110 -16.31 -6.93 -14.95
CA GLY B 110 -16.49 -5.77 -15.79
C GLY B 110 -16.45 -4.47 -15.01
N PRO B 111 -16.66 -3.36 -15.71
CA PRO B 111 -16.59 -2.05 -15.03
C PRO B 111 -17.64 -1.86 -13.95
N ALA B 112 -18.73 -2.63 -13.98
CA ALA B 112 -19.76 -2.49 -12.96
C ALA B 112 -19.21 -2.80 -11.57
N TRP B 113 -18.23 -3.69 -11.48
CA TRP B 113 -17.61 -4.05 -10.21
C TRP B 113 -16.23 -3.45 -10.00
N ILE B 114 -15.52 -3.11 -11.08
CA ILE B 114 -14.19 -2.54 -10.96
C ILE B 114 -14.24 -1.16 -10.33
N GLN B 115 -15.24 -0.36 -10.69
CA GLN B 115 -15.34 0.99 -10.16
C GLN B 115 -15.87 1.05 -8.73
N GLY B 116 -16.15 -0.10 -8.11
CA GLY B 116 -16.55 -0.10 -6.72
C GLY B 116 -15.45 0.36 -5.79
N LYS B 117 -14.21 0.01 -6.11
CA LYS B 117 -13.04 0.37 -5.34
C LYS B 117 -12.14 1.28 -6.16
N PRO B 118 -11.31 2.10 -5.50
CA PRO B 118 -10.38 2.95 -6.24
C PRO B 118 -9.35 2.13 -7.00
N ALA B 119 -8.81 2.74 -8.06
CA ALA B 119 -7.84 2.04 -8.89
C ALA B 119 -6.60 1.65 -8.11
N GLY B 120 -6.29 2.36 -7.02
CA GLY B 120 -5.19 1.96 -6.18
C GLY B 120 -5.51 0.76 -5.32
N SER B 121 -6.79 0.54 -5.02
CA SER B 121 -7.19 -0.63 -4.26
C SER B 121 -7.10 -1.91 -5.08
N TRP B 122 -7.11 -1.79 -6.41
CA TRP B 122 -6.94 -2.96 -7.27
C TRP B 122 -5.49 -3.25 -7.58
N ALA B 123 -4.66 -2.22 -7.70
CA ALA B 123 -3.23 -2.45 -7.86
C ALA B 123 -2.62 -3.05 -6.61
N THR B 124 -3.13 -2.69 -5.43
CA THR B 124 -2.66 -3.30 -4.19
C THR B 124 -2.94 -4.80 -4.18
N LEU B 125 -4.14 -5.21 -4.61
CA LEU B 125 -4.49 -6.62 -4.62
C LEU B 125 -3.65 -7.39 -5.63
N VAL B 126 -3.36 -6.79 -6.78
CA VAL B 126 -2.71 -7.49 -7.88
C VAL B 126 -1.19 -7.46 -7.75
N LEU B 127 -0.60 -6.29 -7.55
CA LEU B 127 0.85 -6.21 -7.50
C LEU B 127 1.40 -6.58 -6.12
N GLU B 128 1.14 -5.71 -5.14
CA GLU B 128 1.70 -5.82 -3.77
C GLU B 128 1.26 -7.08 -3.02
N GLN B 129 0.00 -7.48 -3.12
CA GLN B 129 -0.50 -8.58 -2.30
C GLN B 129 -0.23 -9.94 -2.93
N ILE B 130 -0.23 -10.03 -4.26
CA ILE B 130 0.14 -11.30 -4.89
C ILE B 130 1.65 -11.53 -4.75
N ASP B 131 2.44 -10.46 -4.77
CA ASP B 131 3.87 -10.60 -4.57
C ASP B 131 4.23 -10.90 -3.11
N ASP B 132 3.33 -10.62 -2.17
CA ASP B 132 3.59 -10.97 -0.78
C ASP B 132 3.53 -12.46 -0.52
N MET B 133 3.07 -13.26 -1.48
CA MET B 133 3.01 -14.70 -1.30
C MET B 133 4.25 -15.41 -1.79
N HIS B 134 5.18 -14.70 -2.43
CA HIS B 134 6.28 -15.38 -3.11
C HIS B 134 7.21 -16.07 -2.12
N ASP B 135 7.62 -15.35 -1.07
CA ASP B 135 8.56 -15.92 -0.11
C ASP B 135 7.95 -17.07 0.69
N TYR B 136 6.61 -17.18 0.73
CA TYR B 136 5.99 -18.33 1.35
C TYR B 136 6.19 -19.58 0.51
N TYR B 137 6.10 -19.45 -0.81
CA TYR B 137 6.32 -20.59 -1.69
C TYR B 137 7.78 -20.76 -2.07
N ALA B 138 8.54 -19.67 -2.15
CA ALA B 138 9.94 -19.75 -2.50
C ALA B 138 10.80 -20.23 -1.32
N ARG B 139 10.47 -19.79 -0.11
CA ARG B 139 11.34 -20.05 1.04
C ARG B 139 10.67 -20.86 2.13
N TYR B 140 9.46 -20.48 2.55
CA TYR B 140 8.87 -21.10 3.74
C TYR B 140 8.48 -22.55 3.50
N LEU B 141 7.78 -22.82 2.39
CA LEU B 141 7.41 -24.21 2.09
C LEU B 141 8.63 -25.10 1.84
N PRO B 142 9.62 -24.70 1.04
CA PRO B 142 10.83 -25.52 0.96
C PRO B 142 11.54 -25.70 2.28
N GLN B 143 11.49 -24.71 3.17
CA GLN B 143 12.16 -24.82 4.45
C GLN B 143 11.40 -25.75 5.40
N MET B 144 10.07 -25.68 5.38
CA MET B 144 9.30 -26.54 6.26
C MET B 144 9.36 -28.01 5.82
N ALA B 145 9.68 -28.26 4.56
CA ALA B 145 9.98 -29.62 4.12
C ALA B 145 11.39 -30.03 4.50
N LEU B 146 12.33 -29.08 4.50
CA LEU B 146 13.68 -29.35 4.97
C LEU B 146 13.71 -29.62 6.48
N ALA B 147 12.79 -29.00 7.23
CA ALA B 147 12.77 -29.15 8.67
C ALA B 147 12.38 -30.55 9.13
N VAL B 148 11.83 -31.37 8.23
CA VAL B 148 11.54 -32.76 8.55
C VAL B 148 12.49 -33.72 7.84
N SER B 149 13.04 -33.35 6.69
CA SER B 149 13.92 -34.24 5.95
C SER B 149 15.29 -34.34 6.61
N VAL B 150 15.96 -33.21 6.80
CA VAL B 150 17.32 -33.22 7.33
C VAL B 150 17.40 -33.75 8.75
N PRO B 151 16.58 -33.29 9.72
CA PRO B 151 16.74 -33.80 11.09
C PRO B 151 16.56 -35.30 11.22
N LEU B 152 15.56 -35.89 10.54
CA LEU B 152 15.39 -37.33 10.60
C LEU B 152 16.45 -38.07 9.80
N LEU B 153 17.19 -37.38 8.94
CA LEU B 153 18.30 -38.00 8.24
C LEU B 153 19.59 -37.93 9.04
N ILE B 154 19.73 -36.92 9.91
CA ILE B 154 20.88 -36.85 10.80
C ILE B 154 20.88 -38.03 11.77
N VAL B 155 19.72 -38.33 12.35
CA VAL B 155 19.61 -39.42 13.32
C VAL B 155 19.96 -40.75 12.67
N VAL B 156 19.49 -40.97 11.44
CA VAL B 156 19.76 -42.22 10.73
C VAL B 156 21.25 -42.40 10.51
N ALA B 157 22.01 -41.31 10.44
CA ALA B 157 23.45 -41.42 10.27
C ALA B 157 24.19 -41.57 11.59
N ILE B 158 23.64 -41.02 12.67
CA ILE B 158 24.30 -41.13 13.97
C ILE B 158 23.99 -42.47 14.65
N PHE B 159 22.79 -43.01 14.41
CA PHE B 159 22.38 -44.23 15.11
C PHE B 159 23.33 -45.41 14.91
N PRO B 160 23.84 -45.71 13.69
CA PRO B 160 24.83 -46.80 13.58
C PRO B 160 26.07 -46.60 14.42
N SER B 161 26.59 -45.37 14.50
CA SER B 161 27.83 -45.16 15.25
C SER B 161 27.58 -45.15 16.76
N ASN B 162 26.44 -44.60 17.18
CA ASN B 162 26.13 -44.48 18.61
C ASN B 162 24.65 -44.23 18.75
N TRP B 163 23.97 -45.05 19.53
CA TRP B 163 22.53 -44.91 19.70
C TRP B 163 22.14 -44.02 20.87
N ALA B 164 23.10 -43.63 21.71
CA ALA B 164 22.78 -42.69 22.78
C ALA B 164 22.83 -41.25 22.29
N ALA B 165 23.71 -40.94 21.33
CA ALA B 165 23.71 -39.62 20.72
C ALA B 165 22.50 -39.43 19.82
N ALA B 166 21.98 -40.52 19.24
CA ALA B 166 20.79 -40.43 18.40
C ALA B 166 19.56 -40.15 19.24
N LEU B 167 19.47 -40.75 20.43
CA LEU B 167 18.31 -40.54 21.28
C LEU B 167 18.30 -39.14 21.89
N ILE B 168 19.47 -38.54 22.08
CA ILE B 168 19.53 -37.16 22.57
C ILE B 168 18.88 -36.21 21.59
N LEU B 169 19.20 -36.37 20.30
CA LEU B 169 18.56 -35.54 19.28
C LEU B 169 17.12 -35.96 19.07
N LEU B 170 16.86 -37.26 18.98
CA LEU B 170 15.50 -37.76 18.77
C LEU B 170 14.62 -37.57 20.00
N GLY B 171 15.21 -37.46 21.19
CA GLY B 171 14.41 -37.25 22.39
C GLY B 171 13.70 -35.90 22.38
N THR B 172 14.35 -34.87 21.86
CA THR B 172 13.76 -33.56 21.73
C THR B 172 12.94 -33.40 20.46
N ALA B 173 12.92 -34.43 19.60
CA ALA B 173 12.14 -34.34 18.37
C ALA B 173 10.64 -34.14 18.61
N PRO B 174 9.96 -34.89 19.50
CA PRO B 174 8.52 -34.64 19.69
C PRO B 174 8.24 -33.56 20.73
N LEU B 175 9.22 -33.26 21.59
CA LEU B 175 9.03 -32.21 22.57
C LEU B 175 8.86 -30.84 21.91
N ILE B 176 9.75 -30.53 20.98
CA ILE B 176 9.76 -29.21 20.27
C ILE B 176 8.40 -28.95 19.63
N PRO B 177 7.80 -29.91 18.89
CA PRO B 177 6.51 -29.69 18.24
C PRO B 177 5.37 -29.38 19.22
N LEU B 178 5.34 -30.02 20.40
CA LEU B 178 4.24 -29.75 21.36
C LEU B 178 4.45 -28.46 22.17
N PHE B 179 5.58 -27.77 22.00
CA PHE B 179 5.76 -26.50 22.70
C PHE B 179 5.43 -25.31 21.82
N MET B 180 5.62 -25.40 20.51
CA MET B 180 5.17 -24.38 19.58
C MET B 180 3.85 -24.73 18.92
N ALA B 181 3.18 -25.79 19.38
CA ALA B 181 1.81 -26.08 18.98
C ALA B 181 0.82 -26.00 20.13
N LEU B 182 1.27 -26.11 21.37
CA LEU B 182 0.38 -25.90 22.51
C LEU B 182 0.10 -24.42 22.69
N VAL B 183 1.15 -23.62 22.91
CA VAL B 183 1.00 -22.18 23.02
C VAL B 183 1.23 -21.48 21.68
N GLY B 184 1.98 -22.09 20.77
CA GLY B 184 2.25 -21.45 19.49
C GLY B 184 1.00 -21.27 18.65
N MET B 185 0.16 -22.32 18.60
CA MET B 185 -1.11 -22.20 17.88
C MET B 185 -2.07 -21.26 18.59
N GLY B 186 -1.96 -21.16 19.91
CA GLY B 186 -2.78 -20.20 20.64
C GLY B 186 -2.44 -18.76 20.27
N ALA B 187 -1.16 -18.49 20.03
CA ALA B 187 -0.70 -17.15 19.66
C ALA B 187 -0.34 -17.05 18.18
N ALA B 188 -0.87 -17.92 17.34
CA ALA B 188 -0.63 -17.82 15.91
C ALA B 188 -1.71 -17.00 15.23
N ASP B 189 -2.97 -17.27 15.55
CA ASP B 189 -4.06 -16.44 15.04
C ASP B 189 -4.05 -15.07 15.68
N ALA B 190 -3.63 -14.98 16.95
CA ALA B 190 -3.48 -13.67 17.60
C ALA B 190 -2.43 -12.84 16.89
N ASN B 191 -1.34 -13.47 16.45
CA ASN B 191 -0.34 -12.77 15.67
C ASN B 191 -0.92 -12.31 14.34
N ARG B 192 -1.73 -13.15 13.70
CA ARG B 192 -2.35 -12.76 12.43
C ARG B 192 -3.26 -11.55 12.62
N ARG B 193 -3.95 -11.48 13.75
CA ARG B 193 -4.78 -10.31 14.03
C ARG B 193 -3.92 -9.09 14.35
N ASN B 194 -2.74 -9.29 14.93
CA ASN B 194 -1.83 -8.17 15.18
C ASN B 194 -1.32 -7.56 13.89
N PHE B 195 -1.10 -8.38 12.86
CA PHE B 195 -0.69 -7.84 11.57
C PHE B 195 -1.83 -7.05 10.93
N LEU B 196 -3.06 -7.51 11.11
CA LEU B 196 -4.21 -6.74 10.65
C LEU B 196 -4.30 -5.41 11.38
N ALA B 197 -4.01 -5.40 12.69
CA ALA B 197 -4.01 -4.17 13.44
C ALA B 197 -2.90 -3.23 12.98
N LEU B 198 -1.73 -3.78 12.66
CA LEU B 198 -0.64 -2.96 12.16
C LEU B 198 -0.97 -2.35 10.80
N ALA B 199 -1.62 -3.13 9.93
CA ALA B 199 -2.06 -2.59 8.65
C ALA B 199 -3.21 -1.60 8.83
N ARG B 200 -4.05 -1.81 9.84
CA ARG B 200 -5.12 -0.87 10.13
C ARG B 200 -4.57 0.38 10.80
N LEU B 201 -3.55 0.22 11.65
CA LEU B 201 -2.86 1.38 12.22
C LEU B 201 -2.14 2.16 11.14
N SER B 202 -1.71 1.49 10.07
CA SER B 202 -1.10 2.19 8.94
C SER B 202 -2.14 2.94 8.11
N GLY B 203 -3.40 2.54 8.17
CA GLY B 203 -4.46 3.30 7.54
C GLY B 203 -5.00 4.42 8.39
N HIS B 204 -4.75 4.37 9.70
CA HIS B 204 -5.07 5.50 10.57
C HIS B 204 -4.07 6.62 10.38
N PHE B 205 -2.81 6.28 10.07
CA PHE B 205 -1.82 7.29 9.73
C PHE B 205 -2.11 7.93 8.38
N LEU B 206 -2.47 7.10 7.39
CA LEU B 206 -2.81 7.64 6.07
C LEU B 206 -4.08 8.47 6.11
N ASP B 207 -5.04 8.09 6.97
CA ASP B 207 -6.24 8.89 7.12
C ASP B 207 -5.92 10.28 7.65
N ARG B 208 -4.99 10.37 8.62
CA ARG B 208 -4.62 11.66 9.16
C ARG B 208 -3.78 12.46 8.17
N LEU B 209 -3.05 11.79 7.29
CA LEU B 209 -2.27 12.49 6.28
C LEU B 209 -3.17 13.04 5.18
N ARG B 210 -4.16 12.25 4.75
CA ARG B 210 -5.06 12.68 3.69
C ARG B 210 -5.93 13.85 4.10
N GLY B 211 -6.20 14.01 5.39
CA GLY B 211 -7.05 15.09 5.85
C GLY B 211 -6.36 16.14 6.70
N MET B 212 -5.12 16.50 6.36
CA MET B 212 -4.48 17.60 7.07
C MET B 212 -4.94 18.97 6.60
N GLU B 213 -5.65 19.03 5.47
CA GLU B 213 -6.29 20.30 5.10
C GLU B 213 -7.46 20.60 6.02
N THR B 214 -8.13 19.56 6.51
CA THR B 214 -9.20 19.73 7.48
C THR B 214 -8.67 19.89 8.90
N LEU B 215 -7.53 19.25 9.20
CA LEU B 215 -6.91 19.44 10.51
C LEU B 215 -6.31 20.83 10.64
N ARG B 216 -5.88 21.42 9.52
CA ARG B 216 -5.29 22.75 9.55
C ARG B 216 -6.33 23.81 9.84
N ILE B 217 -7.48 23.77 9.15
CA ILE B 217 -8.47 24.82 9.28
C ILE B 217 -9.17 24.79 10.63
N PHE B 218 -9.14 23.67 11.33
CA PHE B 218 -9.77 23.55 12.65
C PHE B 218 -8.77 23.65 13.79
N GLY B 219 -7.49 23.80 13.49
CA GLY B 219 -6.49 23.90 14.54
C GLY B 219 -6.35 22.65 15.38
N ARG B 220 -6.55 21.48 14.78
CA ARG B 220 -6.42 20.21 15.47
C ARG B 220 -5.11 19.51 15.17
N GLY B 221 -4.09 20.26 14.75
CA GLY B 221 -2.82 19.63 14.42
C GLY B 221 -2.11 19.05 15.62
N GLU B 222 -2.14 19.75 16.76
CA GLU B 222 -1.47 19.27 17.95
C GLU B 222 -2.29 18.23 18.72
N ALA B 223 -3.56 18.05 18.37
CA ALA B 223 -4.39 17.04 19.00
C ALA B 223 -4.43 15.74 18.20
N GLU B 224 -3.92 15.75 16.97
CA GLU B 224 -3.77 14.52 16.21
C GLU B 224 -2.37 13.92 16.31
N ILE B 225 -1.40 14.72 16.75
CA ILE B 225 -0.11 14.15 17.13
C ILE B 225 -0.28 13.26 18.37
N GLU B 226 -1.09 13.72 19.32
CA GLU B 226 -1.45 12.88 20.46
C GLU B 226 -2.28 11.69 20.02
N SER B 227 -3.17 11.88 19.05
CA SER B 227 -3.98 10.78 18.55
C SER B 227 -3.12 9.72 17.87
N ILE B 228 -2.11 10.15 17.12
CA ILE B 228 -1.14 9.20 16.56
C ILE B 228 -0.37 8.52 17.68
N ARG B 229 0.04 9.30 18.69
CA ARG B 229 0.77 8.72 19.82
C ARG B 229 -0.10 7.74 20.60
N SER B 230 -1.37 8.07 20.79
CA SER B 230 -2.26 7.17 21.52
C SER B 230 -2.56 5.90 20.71
N ALA B 231 -2.75 6.05 19.40
CA ALA B 231 -3.05 4.90 18.58
C ALA B 231 -1.84 3.99 18.42
N SER B 232 -0.64 4.58 18.34
CA SER B 232 0.56 3.78 18.21
C SER B 232 0.92 3.10 19.52
N GLU B 233 0.69 3.77 20.65
CA GLU B 233 0.97 3.15 21.94
C GLU B 233 -0.02 2.03 22.26
N ASP B 234 -1.27 2.16 21.81
CA ASP B 234 -2.24 1.10 22.05
C ASP B 234 -1.92 -0.14 21.22
N PHE B 235 -1.42 0.06 20.00
CA PHE B 235 -1.06 -1.09 19.18
C PHE B 235 0.15 -1.82 19.75
N ARG B 236 1.18 -1.07 20.14
CA ARG B 236 2.38 -1.70 20.69
C ARG B 236 2.07 -2.43 21.99
N GLN B 237 1.28 -1.81 22.87
CA GLN B 237 0.95 -2.45 24.14
C GLN B 237 0.17 -3.74 23.91
N ARG B 238 -0.71 -3.76 22.91
CA ARG B 238 -1.50 -4.95 22.62
C ARG B 238 -0.66 -6.01 21.90
N THR B 239 0.25 -5.58 21.03
CA THR B 239 1.06 -6.53 20.28
C THR B 239 2.13 -7.17 21.16
N MET B 240 2.77 -6.37 22.03
CA MET B 240 3.83 -6.92 22.88
C MET B 240 3.30 -7.89 23.92
N GLU B 241 2.03 -7.82 24.28
CA GLU B 241 1.47 -8.82 25.17
C GLU B 241 1.24 -10.14 24.46
N VAL B 242 0.87 -10.10 23.18
CA VAL B 242 0.79 -11.32 22.37
C VAL B 242 2.18 -11.87 22.10
N LEU B 243 3.12 -11.00 21.76
CA LEU B 243 4.47 -11.43 21.41
C LEU B 243 5.22 -12.03 22.59
N ARG B 244 4.80 -11.74 23.82
CA ARG B 244 5.43 -12.35 24.98
C ARG B 244 5.22 -13.86 25.01
N LEU B 245 4.19 -14.35 24.31
CA LEU B 245 3.96 -15.78 24.20
C LEU B 245 4.43 -16.35 22.86
N ALA B 246 4.39 -15.55 21.79
CA ALA B 246 4.81 -16.03 20.49
C ALA B 246 6.32 -16.14 20.36
N PHE B 247 7.08 -15.42 21.18
CA PHE B 247 8.53 -15.50 21.17
C PHE B 247 9.06 -16.60 22.09
N LEU B 248 8.18 -17.27 22.83
CA LEU B 248 8.61 -18.43 23.61
C LEU B 248 9.07 -19.56 22.70
N SER B 249 8.38 -19.75 21.58
CA SER B 249 8.77 -20.81 20.64
C SER B 249 10.17 -20.59 20.12
N SER B 250 10.53 -19.34 19.80
CA SER B 250 11.89 -19.03 19.40
C SER B 250 12.87 -19.32 20.53
N GLY B 251 12.52 -18.96 21.76
CA GLY B 251 13.41 -19.18 22.88
C GLY B 251 13.47 -20.62 23.35
N ILE B 252 12.36 -21.35 23.23
CA ILE B 252 12.36 -22.77 23.58
C ILE B 252 13.24 -23.55 22.61
N LEU B 253 13.11 -23.27 21.31
CA LEU B 253 13.92 -23.96 20.32
C LEU B 253 15.40 -23.65 20.50
N GLU B 254 15.74 -22.47 21.00
CA GLU B 254 17.13 -22.18 21.32
C GLU B 254 17.60 -22.88 22.59
N PHE B 255 16.67 -23.25 23.47
CA PHE B 255 17.04 -24.00 24.67
C PHE B 255 17.35 -25.46 24.33
N PHE B 256 16.53 -26.07 23.47
CA PHE B 256 16.71 -27.48 23.17
C PHE B 256 17.90 -27.74 22.25
N THR B 257 18.26 -26.76 21.42
CA THR B 257 19.51 -26.90 20.68
C THR B 257 20.71 -26.68 21.58
N SER B 258 20.55 -25.86 22.64
CA SER B 258 21.62 -25.71 23.62
C SER B 258 21.76 -26.95 24.47
N LEU B 259 20.63 -27.51 24.92
CA LEU B 259 20.67 -28.70 25.76
C LEU B 259 21.23 -29.90 24.98
N SER B 260 20.82 -30.06 23.72
CA SER B 260 21.29 -31.19 22.93
C SER B 260 22.78 -31.11 22.66
N ILE B 261 23.28 -29.92 22.35
CA ILE B 261 24.73 -29.75 22.18
C ILE B 261 25.45 -30.03 23.50
N ALA B 262 24.91 -29.53 24.60
CA ALA B 262 25.50 -29.80 25.90
C ALA B 262 25.44 -31.27 26.27
N LEU B 263 24.30 -31.92 26.02
CA LEU B 263 24.14 -33.32 26.39
C LEU B 263 25.03 -34.22 25.54
N VAL B 264 25.20 -33.89 24.26
CA VAL B 264 26.12 -34.65 23.43
C VAL B 264 27.55 -34.48 23.93
N ALA B 265 27.91 -33.25 24.33
CA ALA B 265 29.25 -33.01 24.87
C ALA B 265 29.44 -33.70 26.21
N VAL B 266 28.45 -33.63 27.08
CA VAL B 266 28.55 -34.26 28.39
C VAL B 266 28.61 -35.79 28.25
N TYR B 267 27.77 -36.35 27.40
CA TYR B 267 27.75 -37.81 27.24
C TYR B 267 29.07 -38.31 26.65
N PHE B 268 29.48 -37.73 25.53
CA PHE B 268 30.72 -38.19 24.91
C PHE B 268 31.94 -37.83 25.74
N GLY B 269 31.94 -36.64 26.36
CA GLY B 269 33.08 -36.24 27.14
C GLY B 269 33.34 -37.14 28.33
N PHE B 270 32.28 -37.51 29.05
CA PHE B 270 32.42 -38.41 30.18
C PHE B 270 32.52 -39.87 29.77
N SER B 271 32.15 -40.20 28.53
CA SER B 271 32.34 -41.56 28.05
C SER B 271 33.82 -41.84 27.77
N TYR B 272 34.57 -40.82 27.35
CA TYR B 272 36.00 -40.98 27.19
C TYR B 272 36.70 -41.12 28.53
N LEU B 273 36.19 -40.42 29.55
CA LEU B 273 36.76 -40.50 30.90
C LEU B 273 36.38 -41.78 31.61
N GLY B 274 35.47 -42.58 31.06
CA GLY B 274 35.12 -43.87 31.63
C GLY B 274 33.98 -43.86 32.62
N GLU B 275 33.42 -42.69 32.96
CA GLU B 275 32.30 -42.66 33.89
C GLU B 275 31.07 -43.35 33.30
N LEU B 276 30.80 -43.13 32.02
CA LEU B 276 29.68 -43.76 31.34
C LEU B 276 30.18 -44.90 30.48
N ASP B 277 29.39 -45.97 30.40
CA ASP B 277 29.77 -47.13 29.59
C ASP B 277 28.61 -47.66 28.76
N PHE B 278 27.62 -46.82 28.45
CA PHE B 278 26.48 -47.20 27.65
C PHE B 278 26.48 -46.41 26.34
N GLY B 279 25.53 -46.76 25.47
CA GLY B 279 25.29 -46.00 24.27
C GLY B 279 26.03 -46.50 23.03
N HIS B 280 27.10 -47.27 23.20
CA HIS B 280 27.83 -47.83 22.09
C HIS B 280 27.50 -49.31 21.98
N TYR B 281 28.06 -49.95 20.94
CA TYR B 281 27.84 -51.36 20.68
C TYR B 281 29.01 -52.21 21.15
N ASP B 282 29.60 -51.83 22.28
CA ASP B 282 30.70 -52.54 22.92
C ASP B 282 31.97 -52.55 22.07
N THR B 283 32.04 -51.67 21.08
CA THR B 283 33.26 -51.49 20.29
C THR B 283 34.07 -50.29 20.74
N GLY B 284 33.64 -49.59 21.79
CA GLY B 284 34.36 -48.44 22.30
C GLY B 284 34.03 -47.15 21.57
N VAL B 285 33.84 -46.07 22.32
CA VAL B 285 33.55 -44.77 21.73
C VAL B 285 34.85 -44.15 21.26
N THR B 286 34.86 -43.70 20.01
CA THR B 286 36.01 -43.03 19.42
C THR B 286 35.82 -41.52 19.43
N LEU B 287 36.88 -40.80 19.09
CA LEU B 287 36.76 -39.35 18.99
C LEU B 287 35.99 -38.93 17.75
N ALA B 288 36.09 -39.70 16.67
CA ALA B 288 35.33 -39.39 15.47
C ALA B 288 33.84 -39.60 15.68
N ALA B 289 33.46 -40.56 16.53
CA ALA B 289 32.05 -40.75 16.84
C ALA B 289 31.50 -39.56 17.61
N GLY B 290 32.28 -39.00 18.54
CA GLY B 290 31.82 -37.86 19.29
C GLY B 290 31.80 -36.58 18.48
N PHE B 291 32.77 -36.40 17.59
CA PHE B 291 32.77 -35.23 16.72
C PHE B 291 31.64 -35.28 15.71
N LEU B 292 31.34 -36.47 15.17
CA LEU B 292 30.26 -36.58 14.20
C LEU B 292 28.93 -36.14 14.80
N ALA B 293 28.64 -36.56 16.03
CA ALA B 293 27.41 -36.13 16.68
C ALA B 293 27.45 -34.64 17.02
N LEU B 294 28.61 -34.15 17.46
CA LEU B 294 28.70 -32.75 17.87
C LEU B 294 28.65 -31.81 16.68
N ILE B 295 29.30 -32.17 15.58
CA ILE B 295 29.21 -31.34 14.37
C ILE B 295 27.78 -31.30 13.86
N LEU B 296 27.09 -32.43 13.88
CA LEU B 296 25.74 -32.55 13.34
C LEU B 296 24.65 -32.14 14.32
N ALA B 297 24.99 -31.84 15.57
CA ALA B 297 23.97 -31.42 16.53
C ALA B 297 23.36 -30.07 16.15
N PRO B 298 24.16 -29.06 15.78
CA PRO B 298 23.53 -27.81 15.32
C PRO B 298 22.67 -27.95 14.08
N GLU B 299 23.03 -28.80 13.12
CA GLU B 299 22.21 -28.92 11.92
C GLU B 299 20.98 -29.78 12.13
N PHE B 300 20.87 -30.47 13.27
CA PHE B 300 19.61 -31.13 13.57
C PHE B 300 18.51 -30.11 13.83
N PHE B 301 18.87 -28.98 14.43
CA PHE B 301 17.92 -27.92 14.76
C PHE B 301 17.98 -26.74 13.81
N GLN B 302 19.01 -26.64 12.98
CA GLN B 302 19.13 -25.51 12.07
C GLN B 302 17.95 -25.36 11.12
N PRO B 303 17.42 -26.42 10.48
CA PRO B 303 16.23 -26.23 9.64
C PRO B 303 15.04 -25.67 10.41
N LEU B 304 14.88 -26.01 11.69
CA LEU B 304 13.84 -25.41 12.50
C LEU B 304 14.19 -24.00 12.93
N ARG B 305 15.47 -23.71 13.14
CA ARG B 305 15.87 -22.37 13.52
C ARG B 305 15.80 -21.40 12.35
N ASP B 306 15.99 -21.90 11.12
CA ASP B 306 15.81 -21.09 9.93
C ASP B 306 14.34 -20.96 9.53
N LEU B 307 13.46 -21.78 10.11
CA LEU B 307 12.04 -21.64 9.84
C LEU B 307 11.44 -20.46 10.62
N GLY B 308 12.07 -20.08 11.74
CA GLY B 308 11.63 -18.89 12.43
C GLY B 308 12.11 -17.62 11.76
N THR B 309 13.23 -17.70 11.03
CA THR B 309 13.68 -16.57 10.22
C THR B 309 12.66 -16.26 9.14
N PHE B 310 12.04 -17.30 8.56
CA PHE B 310 11.07 -17.16 7.50
C PHE B 310 9.65 -16.94 8.03
N TYR B 311 9.50 -16.50 9.28
CA TYR B 311 8.17 -16.32 9.85
C TYR B 311 7.37 -15.28 9.08
N HIS B 312 8.00 -14.18 8.71
CA HIS B 312 7.27 -13.10 8.05
C HIS B 312 6.87 -13.47 6.63
N ALA B 313 7.60 -14.39 6.00
CA ALA B 313 7.18 -14.89 4.70
C ALA B 313 5.79 -15.52 4.79
N LYS B 314 5.54 -16.29 5.83
CA LYS B 314 4.22 -16.88 6.04
C LYS B 314 3.22 -15.86 6.56
N ALA B 315 3.66 -14.96 7.44
CA ALA B 315 2.76 -13.98 8.02
C ALA B 315 2.24 -13.00 6.98
N GLN B 316 3.11 -12.57 6.07
CA GLN B 316 2.70 -11.62 5.04
C GLN B 316 2.00 -12.31 3.87
N ALA B 317 2.04 -13.63 3.78
CA ALA B 317 1.27 -14.36 2.78
C ALA B 317 -0.10 -14.76 3.30
N VAL B 318 -0.24 -14.97 4.61
CA VAL B 318 -1.56 -15.24 5.18
C VAL B 318 -2.43 -13.99 5.12
N GLY B 319 -1.83 -12.82 5.38
CA GLY B 319 -2.56 -11.59 5.20
C GLY B 319 -2.92 -11.34 3.74
N ALA B 320 -2.02 -11.69 2.83
CA ALA B 320 -2.32 -11.59 1.40
C ALA B 320 -3.38 -12.60 1.00
N ALA B 321 -3.29 -13.83 1.51
CA ALA B 321 -4.30 -14.84 1.21
C ALA B 321 -5.66 -14.46 1.81
N ASP B 322 -5.67 -13.68 2.89
CA ASP B 322 -6.92 -13.23 3.47
C ASP B 322 -7.70 -12.37 2.47
N SER B 323 -7.01 -11.46 1.80
CA SER B 323 -7.67 -10.59 0.83
C SER B 323 -7.97 -11.31 -0.48
N LEU B 324 -7.11 -12.24 -0.88
CA LEU B 324 -7.29 -12.94 -2.15
C LEU B 324 -8.26 -14.12 -2.04
N LYS B 325 -8.56 -14.58 -0.83
CA LYS B 325 -9.54 -15.64 -0.68
C LYS B 325 -10.95 -15.08 -0.73
N THR B 326 -11.17 -13.92 -0.10
CA THR B 326 -12.49 -13.29 -0.17
C THR B 326 -12.74 -12.74 -1.57
N PHE B 327 -11.70 -12.25 -2.25
CA PHE B 327 -11.89 -11.74 -3.60
C PHE B 327 -12.34 -12.84 -4.55
N MET B 328 -11.75 -14.02 -4.44
CA MET B 328 -12.07 -15.12 -5.35
C MET B 328 -13.31 -15.89 -4.93
N GLU B 329 -13.94 -15.54 -3.81
CA GLU B 329 -15.09 -16.28 -3.33
C GLU B 329 -16.32 -15.41 -3.08
N THR B 330 -16.25 -14.11 -3.37
CA THR B 330 -17.47 -13.31 -3.36
C THR B 330 -18.32 -13.67 -4.58
N PRO B 331 -19.62 -13.89 -4.42
CA PRO B 331 -20.44 -14.21 -5.58
C PRO B 331 -20.88 -12.96 -6.32
N LEU B 332 -20.68 -12.93 -7.64
CA LEU B 332 -21.04 -11.79 -8.46
C LEU B 332 -22.09 -12.20 -9.47
N ALA B 333 -22.99 -11.26 -9.78
CA ALA B 333 -24.08 -11.50 -10.71
C ALA B 333 -23.66 -10.92 -12.06
N HIS B 334 -23.09 -11.79 -12.91
CA HIS B 334 -22.66 -11.35 -14.22
C HIS B 334 -23.88 -11.20 -15.14
N PRO B 335 -23.82 -10.25 -16.08
CA PRO B 335 -24.91 -10.15 -17.07
C PRO B 335 -24.92 -11.37 -17.98
N GLN B 336 -26.10 -11.96 -18.14
CA GLN B 336 -26.24 -13.12 -19.01
C GLN B 336 -25.87 -12.76 -20.44
N ARG B 337 -25.05 -13.62 -21.06
CA ARG B 337 -24.59 -13.42 -22.42
C ARG B 337 -25.12 -14.52 -23.32
N GLY B 338 -25.53 -14.15 -24.52
CA GLY B 338 -26.11 -15.11 -25.44
C GLY B 338 -25.26 -15.37 -26.66
N GLU B 339 -25.90 -15.75 -27.77
CA GLU B 339 -25.20 -16.04 -29.00
C GLU B 339 -25.75 -15.30 -30.22
N ALA B 340 -26.93 -14.69 -30.11
CA ALA B 340 -27.55 -14.05 -31.25
C ALA B 340 -26.78 -12.80 -31.67
N GLU B 341 -26.92 -12.45 -32.95
CA GLU B 341 -26.28 -11.26 -33.51
C GLU B 341 -27.34 -10.42 -34.21
N LEU B 342 -27.06 -9.12 -34.33
CA LEU B 342 -27.96 -8.22 -35.02
C LEU B 342 -27.77 -8.33 -36.53
N ALA B 343 -28.89 -8.32 -37.25
CA ALA B 343 -28.85 -8.56 -38.69
C ALA B 343 -28.14 -7.44 -39.44
N SER B 344 -28.49 -6.19 -39.15
CA SER B 344 -28.02 -5.06 -39.93
C SER B 344 -27.50 -3.97 -39.02
N THR B 345 -26.69 -3.08 -39.60
CA THR B 345 -26.05 -1.99 -38.89
C THR B 345 -26.89 -0.70 -38.90
N ASP B 346 -28.19 -0.83 -39.15
CA ASP B 346 -29.08 0.36 -39.13
C ASP B 346 -29.42 0.72 -37.68
N PRO B 347 -29.82 1.98 -37.37
CA PRO B 347 -30.17 2.38 -36.00
C PRO B 347 -31.13 1.38 -35.34
N VAL B 348 -30.83 0.99 -34.09
CA VAL B 348 -31.62 -0.01 -33.40
C VAL B 348 -32.78 0.66 -32.68
N THR B 349 -33.77 -0.14 -32.31
CA THR B 349 -34.90 0.30 -31.51
C THR B 349 -34.76 -0.30 -30.11
N ILE B 350 -34.88 0.54 -29.09
CA ILE B 350 -34.76 0.12 -27.71
C ILE B 350 -36.16 -0.02 -27.12
N GLU B 351 -36.39 -1.12 -26.41
CA GLU B 351 -37.67 -1.39 -25.76
C GLU B 351 -37.42 -1.83 -24.33
N ALA B 352 -38.30 -1.42 -23.43
CA ALA B 352 -38.24 -1.83 -22.03
C ALA B 352 -39.62 -2.25 -21.57
N GLU B 353 -39.65 -3.23 -20.65
CA GLU B 353 -40.91 -3.72 -20.09
C GLU B 353 -40.60 -4.22 -18.69
N GLU B 354 -40.92 -3.40 -17.68
CA GLU B 354 -40.64 -3.73 -16.28
C GLU B 354 -39.16 -4.04 -16.07
N LEU B 355 -38.30 -3.22 -16.66
CA LEU B 355 -36.86 -3.41 -16.54
C LEU B 355 -36.40 -3.15 -15.10
N PHE B 356 -35.44 -3.96 -14.64
CA PHE B 356 -34.87 -3.80 -13.31
C PHE B 356 -33.35 -3.99 -13.43
N ILE B 357 -32.61 -2.89 -13.45
CA ILE B 357 -31.16 -2.97 -13.50
C ILE B 357 -30.64 -3.42 -12.14
N THR B 358 -29.66 -4.32 -12.16
CA THR B 358 -29.14 -4.93 -10.94
C THR B 358 -27.63 -4.80 -10.87
N SER B 359 -27.12 -4.44 -9.70
CA SER B 359 -25.69 -4.36 -9.49
C SER B 359 -25.09 -5.76 -9.41
N PRO B 360 -23.77 -5.87 -9.60
CA PRO B 360 -23.14 -7.21 -9.47
C PRO B 360 -23.33 -7.84 -8.11
N GLU B 361 -23.49 -7.04 -7.05
CA GLU B 361 -23.74 -7.55 -5.72
C GLU B 361 -25.21 -7.92 -5.49
N GLY B 362 -26.08 -7.66 -6.46
CA GLY B 362 -27.48 -8.00 -6.36
C GLY B 362 -28.41 -6.85 -6.07
N LYS B 363 -27.89 -5.70 -5.68
CA LYS B 363 -28.72 -4.54 -5.38
C LYS B 363 -29.42 -4.04 -6.64
N THR B 364 -30.66 -3.58 -6.48
CA THR B 364 -31.43 -3.04 -7.58
C THR B 364 -31.05 -1.57 -7.77
N LEU B 365 -30.58 -1.23 -8.97
CA LEU B 365 -30.12 0.12 -9.25
C LEU B 365 -31.23 1.02 -9.78
N ALA B 366 -31.93 0.57 -10.82
CA ALA B 366 -33.00 1.33 -11.44
C ALA B 366 -34.29 0.54 -11.40
N GLY B 367 -35.37 1.20 -11.02
CA GLY B 367 -36.66 0.56 -10.87
C GLY B 367 -37.31 0.25 -12.21
N PRO B 368 -38.63 0.07 -12.21
CA PRO B 368 -39.33 -0.35 -13.44
C PRO B 368 -39.25 0.73 -14.51
N LEU B 369 -38.60 0.38 -15.62
CA LEU B 369 -38.48 1.25 -16.78
C LEU B 369 -39.30 0.67 -17.91
N ASN B 370 -40.11 1.51 -18.55
CA ASN B 370 -41.01 1.10 -19.62
C ASN B 370 -40.93 2.07 -20.79
N PHE B 371 -39.71 2.43 -21.17
CA PHE B 371 -39.53 3.38 -22.25
C PHE B 371 -39.57 2.68 -23.61
N THR B 372 -39.38 3.47 -24.67
CA THR B 372 -39.35 2.96 -26.03
C THR B 372 -38.65 3.98 -26.90
N LEU B 373 -37.56 3.58 -27.54
CA LEU B 373 -36.77 4.48 -28.38
C LEU B 373 -36.76 3.97 -29.81
N PRO B 374 -37.51 4.59 -30.71
CA PRO B 374 -37.51 4.15 -32.11
C PRO B 374 -36.14 4.33 -32.75
N ALA B 375 -35.97 3.68 -33.90
CA ALA B 375 -34.69 3.69 -34.59
C ALA B 375 -34.36 5.08 -35.10
N GLY B 376 -33.15 5.55 -34.82
CA GLY B 376 -32.67 6.82 -35.30
C GLY B 376 -33.09 8.02 -34.48
N GLN B 377 -33.82 7.82 -33.38
CA GLN B 377 -34.36 8.92 -32.59
C GLN B 377 -33.43 9.23 -31.42
N ARG B 378 -33.28 10.52 -31.13
CA ARG B 378 -32.33 11.03 -30.15
C ARG B 378 -33.09 11.35 -28.86
N ALA B 379 -32.69 10.69 -27.77
CA ALA B 379 -33.39 10.80 -26.49
C ALA B 379 -32.46 11.35 -25.42
N VAL B 380 -33.05 11.95 -24.39
CA VAL B 380 -32.31 12.58 -23.30
C VAL B 380 -32.77 11.98 -21.98
N LEU B 381 -31.82 11.63 -21.13
CA LEU B 381 -32.09 11.19 -19.76
C LEU B 381 -31.72 12.32 -18.81
N VAL B 382 -32.65 12.73 -17.96
CA VAL B 382 -32.42 13.80 -17.00
C VAL B 382 -32.95 13.37 -15.64
N GLY B 383 -32.51 14.09 -14.62
CA GLY B 383 -32.91 13.79 -13.26
C GLY B 383 -31.86 14.25 -12.28
N ARG B 384 -32.14 13.96 -11.00
CA ARG B 384 -31.23 14.31 -9.89
C ARG B 384 -30.13 13.24 -9.80
N SER B 385 -29.06 13.57 -9.09
CA SER B 385 -27.94 12.65 -8.94
C SER B 385 -28.38 11.39 -8.21
N GLY B 386 -27.85 10.24 -8.64
CA GLY B 386 -28.21 8.98 -8.02
C GLY B 386 -29.58 8.47 -8.39
N SER B 387 -30.11 8.88 -9.55
CA SER B 387 -31.42 8.46 -10.00
C SER B 387 -31.36 7.30 -10.98
N GLY B 388 -30.18 6.74 -11.22
CA GLY B 388 -30.05 5.60 -12.10
C GLY B 388 -29.87 5.92 -13.57
N LYS B 389 -29.41 7.12 -13.90
CA LYS B 389 -29.26 7.48 -15.31
C LYS B 389 -28.07 6.77 -15.94
N SER B 390 -26.97 6.62 -15.19
CA SER B 390 -25.79 5.92 -15.74
C SER B 390 -26.01 4.41 -15.73
N SER B 391 -26.87 3.92 -14.84
CA SER B 391 -27.17 2.49 -14.81
C SER B 391 -27.90 2.05 -16.07
N LEU B 392 -28.81 2.90 -16.58
CA LEU B 392 -29.52 2.56 -17.81
C LEU B 392 -28.57 2.50 -18.99
N LEU B 393 -27.56 3.38 -19.02
CA LEU B 393 -26.57 3.31 -20.09
C LEU B 393 -25.61 2.14 -19.90
N ASN B 394 -25.27 1.81 -18.65
CA ASN B 394 -24.40 0.67 -18.41
C ASN B 394 -25.11 -0.64 -18.70
N ALA B 395 -26.41 -0.71 -18.46
CA ALA B 395 -27.18 -1.90 -18.81
C ALA B 395 -27.26 -2.08 -20.31
N LEU B 396 -27.42 -0.97 -21.04
CA LEU B 396 -27.47 -1.05 -22.51
C LEU B 396 -26.11 -1.41 -23.09
N SER B 397 -25.03 -1.05 -22.39
CA SER B 397 -23.69 -1.44 -22.80
C SER B 397 -23.38 -2.90 -22.49
N GLY B 398 -24.23 -3.57 -21.71
CA GLY B 398 -23.98 -4.94 -21.32
C GLY B 398 -23.16 -5.10 -20.05
N PHE B 399 -22.97 -4.04 -19.28
CA PHE B 399 -22.18 -4.11 -18.06
C PHE B 399 -23.00 -4.48 -16.83
N LEU B 400 -24.33 -4.42 -16.92
CA LEU B 400 -25.19 -4.69 -15.78
C LEU B 400 -26.27 -5.69 -16.19
N SER B 401 -26.65 -6.53 -15.23
CA SER B 401 -27.66 -7.55 -15.45
C SER B 401 -29.03 -7.01 -15.07
N TYR B 402 -30.04 -7.41 -15.85
CA TYR B 402 -31.40 -6.95 -15.64
C TYR B 402 -32.33 -8.16 -15.53
N GLN B 403 -33.48 -7.95 -14.88
CA GLN B 403 -34.48 -8.98 -14.72
C GLN B 403 -35.83 -8.51 -15.22
N GLY B 404 -35.84 -7.88 -16.39
CA GLY B 404 -37.06 -7.48 -17.04
C GLY B 404 -37.01 -7.75 -18.52
N SER B 405 -37.38 -6.77 -19.34
CA SER B 405 -37.28 -6.87 -20.77
C SER B 405 -36.49 -5.69 -21.30
N LEU B 406 -35.51 -5.96 -22.16
CA LEU B 406 -34.71 -4.92 -22.80
C LEU B 406 -34.35 -5.45 -24.19
N ARG B 407 -35.16 -5.08 -25.17
CA ARG B 407 -35.06 -5.65 -26.51
C ARG B 407 -34.40 -4.67 -27.47
N ILE B 408 -33.37 -5.14 -28.15
CA ILE B 408 -32.67 -4.37 -29.18
C ILE B 408 -33.15 -4.90 -30.53
N ASN B 409 -33.87 -4.07 -31.28
CA ASN B 409 -34.44 -4.47 -32.57
C ASN B 409 -35.33 -5.70 -32.42
N GLY B 410 -36.03 -5.79 -31.29
CA GLY B 410 -36.88 -6.92 -31.01
C GLY B 410 -36.18 -8.09 -30.34
N ILE B 411 -34.85 -8.11 -30.33
CA ILE B 411 -34.08 -9.20 -29.74
C ILE B 411 -33.66 -8.80 -28.34
N GLU B 412 -33.87 -9.71 -27.38
CA GLU B 412 -33.46 -9.46 -26.01
C GLU B 412 -31.97 -9.20 -25.94
N LEU B 413 -31.55 -8.43 -24.92
CA LEU B 413 -30.14 -8.14 -24.75
C LEU B 413 -29.40 -9.27 -24.05
N ARG B 414 -30.10 -10.12 -23.31
CA ARG B 414 -29.48 -11.33 -22.78
C ARG B 414 -29.04 -12.24 -23.92
N ASP B 415 -29.88 -12.38 -24.95
CA ASP B 415 -29.58 -13.30 -26.03
C ASP B 415 -28.52 -12.76 -26.99
N LEU B 416 -28.20 -11.47 -26.92
CA LEU B 416 -27.22 -10.89 -27.82
C LEU B 416 -25.81 -11.24 -27.36
N SER B 417 -24.96 -11.60 -28.31
CA SER B 417 -23.57 -11.88 -28.00
C SER B 417 -22.86 -10.58 -27.66
N PRO B 418 -22.25 -10.45 -26.49
CA PRO B 418 -21.63 -9.16 -26.12
C PRO B 418 -20.52 -8.73 -27.05
N GLU B 419 -19.77 -9.67 -27.64
CA GLU B 419 -18.66 -9.30 -28.50
C GLU B 419 -19.15 -8.64 -29.79
N SER B 420 -20.26 -9.12 -30.34
CA SER B 420 -20.79 -8.56 -31.57
C SER B 420 -21.80 -7.45 -31.34
N TRP B 421 -22.41 -7.39 -30.16
CA TRP B 421 -23.32 -6.30 -29.86
C TRP B 421 -22.57 -4.97 -29.77
N ARG B 422 -21.41 -4.97 -29.10
CA ARG B 422 -20.69 -3.72 -28.85
C ARG B 422 -20.01 -3.17 -30.08
N LYS B 423 -19.95 -3.92 -31.18
CA LYS B 423 -19.52 -3.32 -32.44
C LYS B 423 -20.63 -2.47 -33.06
N HIS B 424 -21.86 -2.64 -32.61
CA HIS B 424 -22.98 -1.78 -32.99
C HIS B 424 -23.23 -0.70 -31.93
N LEU B 425 -22.19 -0.28 -31.23
CA LEU B 425 -22.36 0.54 -30.04
C LEU B 425 -21.14 1.44 -29.87
N SER B 426 -21.40 2.74 -29.69
CA SER B 426 -20.39 3.70 -29.34
C SER B 426 -20.80 4.40 -28.05
N TRP B 427 -19.82 4.76 -27.24
CA TRP B 427 -20.07 5.27 -25.90
C TRP B 427 -19.00 6.29 -25.56
N VAL B 428 -19.35 7.24 -24.70
CA VAL B 428 -18.43 8.29 -24.28
C VAL B 428 -18.14 8.22 -22.78
N GLY B 429 -19.15 8.01 -21.96
CA GLY B 429 -18.95 7.85 -20.54
C GLY B 429 -18.81 9.16 -19.81
N GLN B 430 -19.01 9.09 -18.49
CA GLN B 430 -18.94 10.30 -17.66
C GLN B 430 -17.50 10.75 -17.47
N ASN B 431 -16.57 9.81 -17.32
CA ASN B 431 -15.16 10.11 -17.17
C ASN B 431 -14.40 9.64 -18.42
N PRO B 432 -13.52 10.49 -18.98
CA PRO B 432 -12.88 10.14 -20.26
C PRO B 432 -12.21 8.78 -20.29
N GLN B 433 -11.25 8.56 -19.37
CA GLN B 433 -10.51 7.28 -19.28
C GLN B 433 -9.88 6.90 -20.61
N LEU B 434 -8.91 7.70 -21.08
CA LEU B 434 -8.10 7.38 -22.25
C LEU B 434 -7.04 6.34 -21.87
N PRO B 435 -7.19 5.09 -22.30
CA PRO B 435 -6.31 4.03 -21.79
C PRO B 435 -5.08 3.76 -22.64
N ALA B 436 -5.02 4.33 -23.85
CA ALA B 436 -3.93 4.02 -24.76
C ALA B 436 -2.68 4.81 -24.39
N ALA B 437 -1.63 4.64 -25.19
CA ALA B 437 -0.34 5.26 -24.90
C ALA B 437 -0.31 6.73 -25.33
N THR B 438 -0.49 6.98 -26.61
CA THR B 438 -0.43 8.33 -27.16
C THR B 438 -1.84 8.85 -27.43
N LEU B 439 -1.92 10.09 -27.90
CA LEU B 439 -3.20 10.67 -28.24
C LEU B 439 -3.74 10.10 -29.55
N ARG B 440 -2.85 9.68 -30.44
CA ARG B 440 -3.30 9.08 -31.69
C ARG B 440 -3.84 7.67 -31.47
N ASP B 441 -3.19 6.90 -30.60
CA ASP B 441 -3.67 5.54 -30.33
C ASP B 441 -4.98 5.55 -29.56
N ASN B 442 -5.24 6.61 -28.79
CA ASN B 442 -6.51 6.70 -28.07
C ASN B 442 -7.67 6.93 -29.03
N VAL B 443 -7.47 7.76 -30.05
CA VAL B 443 -8.51 7.99 -31.04
C VAL B 443 -8.75 6.74 -31.86
N LEU B 444 -7.69 6.05 -32.26
CA LEU B 444 -7.78 4.85 -33.08
C LEU B 444 -8.12 3.61 -32.28
N LEU B 445 -8.60 3.76 -31.04
CA LEU B 445 -8.91 2.60 -30.22
C LEU B 445 -10.01 1.75 -30.84
N ALA B 446 -10.95 2.37 -31.55
CA ALA B 446 -12.01 1.61 -32.20
C ALA B 446 -11.45 0.67 -33.27
N ARG B 447 -10.57 1.20 -34.12
CA ARG B 447 -9.87 0.39 -35.12
C ARG B 447 -8.50 0.99 -35.41
N PRO B 448 -7.43 0.38 -34.86
CA PRO B 448 -6.10 0.99 -35.03
C PRO B 448 -5.64 1.11 -36.47
N ASP B 449 -6.01 0.16 -37.33
CA ASP B 449 -5.54 0.13 -38.72
C ASP B 449 -6.56 0.83 -39.61
N ALA B 450 -6.67 2.15 -39.40
CA ALA B 450 -7.56 2.99 -40.20
C ALA B 450 -6.76 4.00 -40.99
N SER B 451 -7.33 4.45 -42.10
CA SER B 451 -6.63 5.36 -42.99
C SER B 451 -6.33 6.69 -42.31
N GLU B 452 -5.20 7.28 -42.67
CA GLU B 452 -4.79 8.56 -42.10
C GLU B 452 -5.83 9.64 -42.37
N GLN B 453 -6.48 9.60 -43.54
CA GLN B 453 -7.51 10.56 -43.85
C GLN B 453 -8.69 10.45 -42.89
N GLU B 454 -9.09 9.22 -42.56
CA GLU B 454 -10.21 9.02 -41.65
C GLU B 454 -9.87 9.50 -40.25
N LEU B 455 -8.62 9.34 -39.82
CA LEU B 455 -8.19 9.91 -38.55
C LEU B 455 -8.33 11.43 -38.55
N GLN B 456 -7.93 12.08 -39.64
CA GLN B 456 -8.06 13.52 -39.73
C GLN B 456 -9.52 13.95 -39.76
N ALA B 457 -10.40 13.13 -40.33
CA ALA B 457 -11.82 13.46 -40.33
C ALA B 457 -12.40 13.44 -38.93
N ALA B 458 -12.00 12.45 -38.11
CA ALA B 458 -12.49 12.37 -36.74
C ALA B 458 -11.88 13.46 -35.86
N LEU B 459 -10.60 13.77 -36.08
CA LEU B 459 -9.95 14.82 -35.31
C LEU B 459 -10.58 16.18 -35.60
N ASP B 460 -10.97 16.42 -36.85
CA ASP B 460 -11.58 17.70 -37.21
C ASP B 460 -13.01 17.79 -36.68
N ASN B 461 -13.78 16.71 -36.80
CA ASN B 461 -15.17 16.72 -36.37
C ASN B 461 -15.28 16.97 -34.86
N ALA B 462 -14.41 16.34 -34.08
CA ALA B 462 -14.42 16.51 -32.63
C ALA B 462 -13.66 17.74 -32.17
N TRP B 463 -13.08 18.50 -33.11
CA TRP B 463 -12.31 19.71 -32.80
C TRP B 463 -11.09 19.42 -31.96
N VAL B 464 -10.52 18.22 -32.13
CA VAL B 464 -9.25 17.88 -31.50
C VAL B 464 -8.07 18.50 -32.25
N SER B 465 -8.23 18.74 -33.55
CA SER B 465 -7.14 19.29 -34.35
C SER B 465 -6.78 20.71 -33.96
N GLU B 466 -7.71 21.47 -33.36
CA GLU B 466 -7.44 22.87 -33.12
C GLU B 466 -6.42 23.09 -32.00
N PHE B 467 -6.40 22.21 -31.00
CA PHE B 467 -5.43 22.32 -29.92
C PHE B 467 -4.23 21.42 -30.10
N LEU B 468 -4.14 20.69 -31.21
CA LEU B 468 -2.96 19.86 -31.46
C LEU B 468 -1.66 20.64 -31.51
N PRO B 469 -1.58 21.82 -32.14
CA PRO B 469 -0.31 22.57 -32.09
C PRO B 469 0.15 22.90 -30.68
N LEU B 470 -0.78 23.06 -29.73
CA LEU B 470 -0.40 23.37 -28.36
C LEU B 470 0.28 22.20 -27.66
N LEU B 471 0.25 21.00 -28.25
CA LEU B 471 0.91 19.86 -27.62
C LEU B 471 2.38 19.78 -28.06
N PRO B 472 3.26 19.33 -27.16
CA PRO B 472 4.70 19.31 -27.51
C PRO B 472 5.04 18.44 -28.70
N GLN B 473 4.34 17.32 -28.89
CA GLN B 473 4.67 16.37 -29.95
C GLN B 473 3.59 16.24 -31.01
N GLY B 474 2.44 16.86 -30.81
CA GLY B 474 1.38 16.79 -31.79
C GLY B 474 0.37 15.70 -31.50
N VAL B 475 -0.09 15.01 -32.55
CA VAL B 475 -1.05 13.92 -32.38
C VAL B 475 -0.40 12.73 -31.69
N ASP B 476 0.93 12.65 -31.69
CA ASP B 476 1.66 11.56 -31.07
C ASP B 476 2.03 11.85 -29.62
N THR B 477 1.37 12.81 -28.98
CA THR B 477 1.72 13.20 -27.63
C THR B 477 1.19 12.16 -26.64
N PRO B 478 2.04 11.54 -25.84
CA PRO B 478 1.54 10.58 -24.83
C PRO B 478 0.63 11.25 -23.83
N VAL B 479 -0.53 10.64 -23.59
CA VAL B 479 -1.46 11.19 -22.61
C VAL B 479 -0.90 11.05 -21.20
N GLY B 480 -0.06 10.06 -20.96
CA GLY B 480 0.52 9.86 -19.65
C GLY B 480 -0.41 9.16 -18.68
N ASP B 481 -0.09 9.30 -17.41
CA ASP B 481 -0.86 8.66 -16.34
C ASP B 481 -2.20 9.37 -16.21
N GLN B 482 -3.28 8.70 -16.65
CA GLN B 482 -4.64 9.22 -16.54
C GLN B 482 -4.80 10.54 -17.27
N ALA B 483 -4.17 10.65 -18.44
CA ALA B 483 -4.30 11.82 -19.31
C ALA B 483 -3.99 13.12 -18.57
N ALA B 484 -2.92 13.11 -17.78
CA ALA B 484 -2.52 14.31 -17.04
C ALA B 484 -1.84 15.34 -17.93
N ARG B 485 -1.33 14.95 -19.09
CA ARG B 485 -0.68 15.90 -19.98
C ARG B 485 -1.67 16.92 -20.51
N LEU B 486 -2.87 16.49 -20.88
CA LEU B 486 -3.88 17.35 -21.49
C LEU B 486 -5.07 17.50 -20.57
N SER B 487 -5.67 18.69 -20.60
CA SER B 487 -6.72 19.04 -19.65
C SER B 487 -7.98 18.22 -19.89
N VAL B 488 -8.88 18.26 -18.92
CA VAL B 488 -10.11 17.46 -18.98
C VAL B 488 -10.97 17.91 -20.16
N GLY B 489 -11.01 19.21 -20.43
CA GLY B 489 -11.82 19.70 -21.53
C GLY B 489 -11.31 19.24 -22.87
N GLN B 490 -9.99 19.16 -23.03
CA GLN B 490 -9.41 18.71 -24.29
C GLN B 490 -9.09 17.22 -24.30
N ALA B 491 -9.22 16.53 -23.15
CA ALA B 491 -9.21 15.08 -23.14
C ALA B 491 -10.58 14.50 -23.48
N GLN B 492 -11.65 15.22 -23.13
CA GLN B 492 -13.00 14.78 -23.47
C GLN B 492 -13.22 14.82 -24.97
N ARG B 493 -12.53 15.72 -25.68
CA ARG B 493 -12.67 15.77 -27.13
C ARG B 493 -11.96 14.59 -27.80
N VAL B 494 -10.91 14.06 -27.16
CA VAL B 494 -10.29 12.85 -27.67
C VAL B 494 -11.22 11.66 -27.50
N ALA B 495 -11.97 11.63 -26.39
CA ALA B 495 -12.99 10.60 -26.22
C ALA B 495 -14.12 10.77 -27.22
N VAL B 496 -14.44 12.01 -27.61
CA VAL B 496 -15.47 12.25 -28.61
C VAL B 496 -14.99 11.79 -29.98
N ALA B 497 -13.74 12.10 -30.33
CA ALA B 497 -13.20 11.65 -31.61
C ALA B 497 -13.08 10.14 -31.66
N ARG B 498 -12.83 9.50 -30.51
CA ARG B 498 -12.78 8.04 -30.46
C ARG B 498 -14.14 7.43 -30.75
N ALA B 499 -15.21 8.04 -30.24
CA ALA B 499 -16.54 7.48 -30.44
C ALA B 499 -17.06 7.71 -31.84
N LEU B 500 -16.60 8.76 -32.52
CA LEU B 500 -17.08 9.09 -33.86
C LEU B 500 -16.23 8.48 -34.96
N LEU B 501 -15.15 7.80 -34.63
CA LEU B 501 -14.29 7.20 -35.66
C LEU B 501 -15.03 6.13 -36.44
N ASN B 502 -15.83 5.31 -35.76
CA ASN B 502 -16.55 4.25 -36.43
C ASN B 502 -18.06 4.48 -36.35
N PRO B 503 -18.80 4.16 -37.40
CA PRO B 503 -20.27 4.25 -37.33
C PRO B 503 -20.83 3.24 -36.35
N CYS B 504 -21.96 3.60 -35.75
CA CYS B 504 -22.59 2.75 -34.75
C CYS B 504 -24.09 2.75 -34.95
N SER B 505 -24.75 1.77 -34.35
CA SER B 505 -26.20 1.70 -34.37
C SER B 505 -26.85 2.36 -33.16
N LEU B 506 -26.10 2.55 -32.08
CA LEU B 506 -26.60 3.24 -30.90
C LEU B 506 -25.43 3.99 -30.26
N LEU B 507 -25.64 5.26 -29.97
CA LEU B 507 -24.63 6.11 -29.35
C LEU B 507 -25.10 6.50 -27.96
N LEU B 508 -24.31 6.16 -26.95
CA LEU B 508 -24.65 6.41 -25.56
C LEU B 508 -23.73 7.50 -25.02
N LEU B 509 -24.32 8.59 -24.55
CA LEU B 509 -23.57 9.74 -24.03
C LEU B 509 -23.96 9.94 -22.57
N ASP B 510 -22.98 9.84 -21.68
CA ASP B 510 -23.20 9.92 -20.24
C ASP B 510 -22.57 11.22 -19.72
N GLU B 511 -23.39 12.27 -19.63
CA GLU B 511 -22.97 13.61 -19.24
C GLU B 511 -21.64 13.99 -19.89
N PRO B 512 -21.59 14.04 -21.23
CA PRO B 512 -20.29 14.25 -21.90
C PRO B 512 -19.71 15.63 -21.70
N ALA B 513 -20.49 16.58 -21.19
CA ALA B 513 -20.04 17.95 -20.98
C ALA B 513 -20.31 18.38 -19.55
N ALA B 514 -19.94 17.53 -18.58
CA ALA B 514 -20.30 17.79 -17.18
C ALA B 514 -19.42 18.88 -16.58
N SER B 515 -18.11 18.65 -16.52
CA SER B 515 -17.20 19.55 -15.83
C SER B 515 -16.10 20.05 -16.75
N LEU B 516 -16.47 20.41 -17.98
CA LEU B 516 -15.52 20.96 -18.93
C LEU B 516 -15.54 22.49 -18.88
N ASP B 517 -14.46 23.09 -19.36
CA ASP B 517 -14.43 24.54 -19.48
C ASP B 517 -15.38 25.00 -20.58
N ALA B 518 -15.73 26.28 -20.54
CA ALA B 518 -16.79 26.81 -21.40
C ALA B 518 -16.49 26.65 -22.88
N HIS B 519 -15.22 26.48 -23.26
CA HIS B 519 -14.90 26.31 -24.68
C HIS B 519 -15.12 24.88 -25.14
N SER B 520 -14.64 23.91 -24.37
CA SER B 520 -14.89 22.51 -24.71
C SER B 520 -16.36 22.15 -24.58
N GLU B 521 -17.11 22.87 -23.74
CA GLU B 521 -18.57 22.76 -23.77
C GLU B 521 -19.10 22.99 -25.17
N GLN B 522 -18.59 24.02 -25.85
CA GLN B 522 -19.07 24.35 -27.19
C GLN B 522 -18.66 23.29 -28.21
N ARG B 523 -17.39 22.88 -28.19
CA ARG B 523 -16.88 22.01 -29.23
C ARG B 523 -17.40 20.58 -29.09
N VAL B 524 -17.56 20.11 -27.85
CA VAL B 524 -18.09 18.77 -27.64
C VAL B 524 -19.56 18.70 -28.06
N MET B 525 -20.36 19.69 -27.64
CA MET B 525 -21.77 19.69 -28.01
C MET B 525 -21.97 20.04 -29.48
N GLU B 526 -21.00 20.73 -30.09
CA GLU B 526 -21.03 20.91 -31.54
C GLU B 526 -20.93 19.58 -32.26
N ALA B 527 -19.99 18.73 -31.83
CA ALA B 527 -19.79 17.44 -32.49
C ALA B 527 -20.86 16.43 -32.10
N LEU B 528 -21.33 16.48 -30.85
CA LEU B 528 -22.25 15.45 -30.37
C LEU B 528 -23.70 15.71 -30.77
N ASN B 529 -24.07 16.98 -30.98
CA ASN B 529 -25.40 17.24 -31.52
C ASN B 529 -25.50 16.84 -32.97
N ALA B 530 -24.39 16.95 -33.72
CA ALA B 530 -24.38 16.50 -35.10
C ALA B 530 -24.29 14.98 -35.18
N ALA B 531 -23.58 14.36 -34.24
CA ALA B 531 -23.44 12.90 -34.23
C ALA B 531 -24.71 12.20 -33.79
N SER B 532 -25.53 12.86 -32.95
CA SER B 532 -26.76 12.26 -32.48
C SER B 532 -27.83 12.11 -33.56
N LEU B 533 -27.64 12.76 -34.71
CA LEU B 533 -28.62 12.71 -35.79
C LEU B 533 -28.41 11.54 -36.74
N ARG B 534 -27.30 10.81 -36.63
CA ARG B 534 -26.98 9.77 -37.59
C ARG B 534 -27.43 8.38 -37.15
N GLN B 535 -27.83 8.20 -35.89
CA GLN B 535 -28.30 6.91 -35.40
C GLN B 535 -29.08 7.13 -34.12
N THR B 536 -29.57 6.03 -33.55
CA THR B 536 -30.22 6.11 -32.25
C THR B 536 -29.24 6.59 -31.19
N THR B 537 -29.66 7.58 -30.41
CA THR B 537 -28.79 8.19 -29.42
C THR B 537 -29.52 8.32 -28.10
N LEU B 538 -28.82 8.02 -27.01
CA LEU B 538 -29.33 8.21 -25.66
C LEU B 538 -28.31 9.03 -24.89
N MET B 539 -28.68 10.25 -24.54
CA MET B 539 -27.78 11.20 -23.90
C MET B 539 -28.27 11.53 -22.49
N VAL B 540 -27.37 11.38 -21.52
CA VAL B 540 -27.62 11.83 -20.15
C VAL B 540 -26.97 13.21 -20.00
N THR B 541 -27.70 14.15 -19.42
CA THR B 541 -27.19 15.51 -19.31
C THR B 541 -27.97 16.25 -18.24
N HIS B 542 -27.40 17.36 -17.80
CA HIS B 542 -28.10 18.34 -16.98
C HIS B 542 -28.20 19.69 -17.65
N GLN B 543 -27.67 19.84 -18.87
CA GLN B 543 -27.78 21.08 -19.64
C GLN B 543 -29.17 21.10 -20.27
N LEU B 544 -30.16 21.43 -19.44
CA LEU B 544 -31.56 21.30 -19.84
C LEU B 544 -32.01 22.39 -20.80
N GLU B 545 -31.19 23.43 -21.01
CA GLU B 545 -31.60 24.52 -21.90
C GLU B 545 -31.47 24.14 -23.36
N ASP B 546 -30.54 23.25 -23.70
CA ASP B 546 -30.24 22.94 -25.09
C ASP B 546 -31.10 21.82 -25.66
N LEU B 547 -31.95 21.20 -24.85
CA LEU B 547 -32.69 20.01 -25.29
C LEU B 547 -34.00 20.37 -25.97
N ALA B 548 -33.94 21.27 -26.96
CA ALA B 548 -35.15 21.71 -27.64
C ALA B 548 -35.42 20.91 -28.90
N ASP B 549 -34.38 20.56 -29.66
CA ASP B 549 -34.54 19.77 -30.87
C ASP B 549 -34.49 18.27 -30.63
N TRP B 550 -34.16 17.82 -29.42
CA TRP B 550 -34.25 16.41 -29.10
C TRP B 550 -35.72 16.03 -28.97
N ASP B 551 -36.12 14.94 -29.63
CA ASP B 551 -37.54 14.63 -29.75
C ASP B 551 -38.09 13.84 -28.57
N VAL B 552 -37.25 13.36 -27.66
CA VAL B 552 -37.70 12.61 -26.50
C VAL B 552 -36.87 13.04 -25.30
N ILE B 553 -37.54 13.25 -24.17
CA ILE B 553 -36.88 13.55 -22.90
C ILE B 553 -37.47 12.65 -21.82
N TRP B 554 -36.62 11.92 -21.12
CA TRP B 554 -37.02 11.07 -20.01
C TRP B 554 -36.52 11.68 -18.71
N VAL B 555 -37.43 11.94 -17.79
CA VAL B 555 -37.09 12.46 -16.46
C VAL B 555 -37.02 11.27 -15.52
N MET B 556 -35.82 10.90 -15.13
CA MET B 556 -35.58 9.71 -14.31
C MET B 556 -35.41 10.13 -12.87
N GLN B 557 -36.23 9.56 -11.99
CA GLN B 557 -36.16 9.83 -10.56
C GLN B 557 -36.35 8.53 -9.79
N ASP B 558 -35.47 8.31 -8.80
CA ASP B 558 -35.53 7.11 -7.95
C ASP B 558 -35.46 5.83 -8.79
N GLY B 559 -34.68 5.87 -9.87
CA GLY B 559 -34.54 4.73 -10.73
C GLY B 559 -35.72 4.45 -11.62
N ARG B 560 -36.66 5.39 -11.75
CA ARG B 560 -37.87 5.19 -12.51
C ARG B 560 -38.14 6.41 -13.38
N ILE B 561 -38.50 6.17 -14.64
CA ILE B 561 -38.84 7.27 -15.55
C ILE B 561 -40.22 7.78 -15.17
N ILE B 562 -40.29 8.99 -14.63
CA ILE B 562 -41.55 9.54 -14.12
C ILE B 562 -42.18 10.56 -15.06
N GLU B 563 -41.50 10.93 -16.14
CA GLU B 563 -42.05 11.90 -17.08
C GLU B 563 -41.41 11.72 -18.44
N GLN B 564 -42.23 11.83 -19.48
CA GLN B 564 -41.76 11.74 -20.87
C GLN B 564 -42.41 12.85 -21.68
N GLY B 565 -41.72 13.26 -22.73
CA GLY B 565 -42.22 14.30 -23.60
C GLY B 565 -41.08 15.12 -24.16
N ARG B 566 -41.46 16.16 -24.90
CA ARG B 566 -40.50 17.06 -25.51
C ARG B 566 -40.36 18.33 -24.69
N TYR B 567 -39.35 19.13 -25.04
CA TYR B 567 -39.05 20.34 -24.27
C TYR B 567 -40.19 21.34 -24.34
N ALA B 568 -40.90 21.39 -25.47
CA ALA B 568 -41.97 22.36 -25.63
C ALA B 568 -43.09 22.14 -24.62
N GLU B 569 -43.44 20.89 -24.38
CA GLU B 569 -44.56 20.58 -23.48
C GLU B 569 -44.11 20.27 -22.05
N LEU B 570 -42.84 19.91 -21.85
CA LEU B 570 -42.37 19.59 -20.51
C LEU B 570 -41.94 20.82 -19.72
N SER B 571 -41.37 21.82 -20.38
CA SER B 571 -40.91 23.01 -19.67
C SER B 571 -42.07 23.82 -19.10
N VAL B 572 -43.25 23.72 -19.72
CA VAL B 572 -44.41 24.50 -19.29
C VAL B 572 -45.40 23.69 -18.47
N ALA B 573 -45.27 22.36 -18.44
CA ALA B 573 -46.22 21.53 -17.72
C ALA B 573 -46.13 21.70 -16.20
N GLY B 574 -45.07 22.31 -15.69
CA GLY B 574 -44.93 22.50 -14.26
C GLY B 574 -44.82 21.21 -13.48
N GLY B 575 -44.07 20.24 -14.02
CA GLY B 575 -43.91 18.97 -13.36
C GLY B 575 -42.48 18.73 -12.91
N PRO B 576 -42.07 17.46 -12.90
CA PRO B 576 -40.69 17.15 -12.49
C PRO B 576 -39.62 17.81 -13.34
N PHE B 577 -39.86 17.95 -14.65
CA PHE B 577 -38.84 18.55 -15.51
C PHE B 577 -38.75 20.06 -15.30
N ALA B 578 -39.90 20.71 -15.06
CA ALA B 578 -39.88 22.14 -14.80
C ALA B 578 -39.12 22.48 -13.54
N THR B 579 -39.26 21.64 -12.50
CA THR B 579 -38.47 21.81 -11.30
C THR B 579 -36.99 21.63 -11.59
N LEU B 580 -36.64 20.62 -12.39
CA LEU B 580 -35.25 20.42 -12.78
C LEU B 580 -34.74 21.58 -13.62
N LEU B 581 -35.56 22.07 -14.55
CA LEU B 581 -35.15 23.19 -15.38
C LEU B 581 -34.97 24.45 -14.55
N ALA B 582 -35.88 24.70 -13.60
CA ALA B 582 -35.77 25.89 -12.76
C ALA B 582 -34.49 25.85 -11.93
N HIS B 583 -34.16 24.70 -11.37
CA HIS B 583 -32.92 24.58 -10.60
C HIS B 583 -31.70 24.72 -11.48
N ARG B 584 -31.81 24.35 -12.76
CA ARG B 584 -30.68 24.48 -13.68
C ARG B 584 -30.45 25.93 -14.10
N GLN B 585 -31.50 26.75 -14.09
CA GLN B 585 -31.39 28.13 -14.56
C GLN B 585 -30.58 29.01 -13.62
N GLU B 586 -30.22 28.51 -12.43
CA GLU B 586 -29.46 29.29 -11.48
C GLU B 586 -27.95 29.15 -11.64
N GLU B 587 -27.50 28.17 -12.41
CA GLU B 587 -26.03 28.01 -12.61
C GLU B 587 -25.54 29.05 -13.64
N ILE B 588 -24.48 29.79 -13.30
CA ILE B 588 -23.88 30.79 -14.16
C ILE B 588 -22.39 30.51 -14.28
#